data_4RP2
# 
_entry.id   4RP2 
# 
_audit_conform.dict_name       mmcif_pdbx.dic 
_audit_conform.dict_version    5.379 
_audit_conform.dict_location   http://mmcif.pdb.org/dictionaries/ascii/mmcif_pdbx.dic 
# 
loop_
_database_2.database_id 
_database_2.database_code 
_database_2.pdbx_database_accession 
_database_2.pdbx_DOI 
PDB   4RP2         pdb_00004rp2 10.2210/pdb4rp2/pdb 
NDB   NA3274       ?            ?                   
RCSB  RCSB087619   ?            ?                   
WWPDB D_1000087619 ?            ?                   
# 
loop_
_pdbx_database_related.db_name 
_pdbx_database_related.db_id 
_pdbx_database_related.details 
_pdbx_database_related.content_type 
PDB 4RNK 'Sequence and structure of a self-assembled 3-D DNA crystal: D(GGAAAATTTGGAG)' unspecified 
PDB 1P1Y 'Crystal structure of a continuous three-dimensional DNA lattice.'             unspecified 
PDB 4RO4 .                                                                              unspecified 
PDB 4RO7 .                                                                              unspecified 
PDB 4RO8 .                                                                              unspecified 
PDB 4ROG .                                                                              unspecified 
PDB 4ROK .                                                                              unspecified 
PDB 4RON .                                                                              unspecified 
PDB 4ROO .                                                                              unspecified 
PDB 4ROY .                                                                              unspecified 
PDB 4ROZ .                                                                              unspecified 
PDB 4RP0 .                                                                              unspecified 
PDB 4RP1 .                                                                              unspecified 
# 
_pdbx_database_status.status_code                     REL 
_pdbx_database_status.entry_id                        4RP2 
_pdbx_database_status.recvd_initial_deposition_date   2014-10-29 
_pdbx_database_status.deposit_site                    RCSB 
_pdbx_database_status.process_site                    RCSB 
_pdbx_database_status.status_code_sf                  REL 
_pdbx_database_status.status_code_mr                  ? 
_pdbx_database_status.SG_entry                        ? 
_pdbx_database_status.status_code_cs                  ? 
_pdbx_database_status.methods_development_category    ? 
_pdbx_database_status.pdb_format_compatible           Y 
_pdbx_database_status.status_code_nmr_data            ? 
# 
loop_
_audit_author.name 
_audit_author.pdbx_ordinal 
'Saoji, M.M.'      1 
'Paukstelis, P.J.' 2 
# 
loop_
_citation.id 
_citation.title 
_citation.journal_abbrev 
_citation.journal_volume 
_citation.page_first 
_citation.page_last 
_citation.year 
_citation.journal_id_ASTM 
_citation.country 
_citation.journal_id_ISSN 
_citation.journal_id_CSD 
_citation.book_publisher 
_citation.pdbx_database_id_PubMed 
_citation.pdbx_database_id_DOI 
primary 'Probing the role of sequence in the assembly of three-dimensional DNA crystals.' Biopolymers 103 618  626  2015 BIPMAA US 
0006-3525 0161 ? 26015367 10.1002/bip.22688              
1       'Crystal structure of a continuous three-dimensional DNA lattice.'                Chem.Biol.  11  1119 1126 2004 CBOLE2 UK 
1074-5521 2050 ? 15324813 10.1016/j.chembiol.2004.05.021 
# 
loop_
_citation_author.citation_id 
_citation_author.name 
_citation_author.ordinal 
_citation_author.identifier_ORCID 
primary 'Saoji, M.'        1 ? 
primary 'Zhang, D.'        2 ? 
primary 'Paukstelis, P.J.' 3 ? 
1       'Paukstelis, P.J.' 4 ? 
1       'Nowakowski, J.'   5 ? 
1       'Birktoft, J.J.'   6 ? 
1       'Seeman, N.C.'     7 ? 
# 
_cell.entry_id           4RP2 
_cell.length_a           40.780 
_cell.length_b           40.780 
_cell.length_c           51.813 
_cell.angle_alpha        90.00 
_cell.angle_beta         90.00 
_cell.angle_gamma        120.00 
_cell.Z_PDB              6 
_cell.pdbx_unique_axis   ? 
_cell.length_a_esd       ? 
_cell.length_b_esd       ? 
_cell.length_c_esd       ? 
_cell.angle_alpha_esd    ? 
_cell.angle_beta_esd     ? 
_cell.angle_gamma_esd    ? 
# 
_symmetry.entry_id                         4RP2 
_symmetry.space_group_name_H-M             'P 64' 
_symmetry.pdbx_full_space_group_name_H-M   ? 
_symmetry.cell_setting                     ? 
_symmetry.Int_Tables_number                172 
_symmetry.space_group_name_Hall            ? 
# 
loop_
_entity.id 
_entity.type 
_entity.src_method 
_entity.pdbx_description 
_entity.formula_weight 
_entity.pdbx_number_of_molecules 
_entity.pdbx_ec 
_entity.pdbx_mutation 
_entity.pdbx_fragment 
_entity.details 
1 polymer     syn 'D(GGATAGCTAGGAG)' 4080.671 1 ? ? ? ? 
2 non-polymer syn 'MAGNESIUM ION'    24.305   1 ? ? ? ? 
3 water       nat water              18.015   3 ? ? ? ? 
# 
_entity_poly.entity_id                      1 
_entity_poly.type                           polydeoxyribonucleotide 
_entity_poly.nstd_linkage                   no 
_entity_poly.nstd_monomer                   no 
_entity_poly.pdbx_seq_one_letter_code       '(DG)(DG)(DA)(DT)(DA)(DG)(DC)(DT)(DA)(DG)(DG)(DA)(DG)' 
_entity_poly.pdbx_seq_one_letter_code_can   GGATAGCTAGGAG 
_entity_poly.pdbx_strand_id                 A 
_entity_poly.pdbx_target_identifier         ? 
# 
loop_
_entity_poly_seq.entity_id 
_entity_poly_seq.num 
_entity_poly_seq.mon_id 
_entity_poly_seq.hetero 
1 1  DG n 
1 2  DG n 
1 3  DA n 
1 4  DT n 
1 5  DA n 
1 6  DG n 
1 7  DC n 
1 8  DT n 
1 9  DA n 
1 10 DG n 
1 11 DG n 
1 12 DA n 
1 13 DG n 
# 
_pdbx_entity_src_syn.entity_id              1 
_pdbx_entity_src_syn.pdbx_src_id            1 
_pdbx_entity_src_syn.pdbx_alt_source_flag   sample 
_pdbx_entity_src_syn.pdbx_beg_seq_num       ? 
_pdbx_entity_src_syn.pdbx_end_seq_num       ? 
_pdbx_entity_src_syn.organism_scientific    ? 
_pdbx_entity_src_syn.organism_common_name   ? 
_pdbx_entity_src_syn.ncbi_taxonomy_id       ? 
_pdbx_entity_src_syn.details                'DNA molecule synthesized using a DNA synthesizer.' 
# 
_struct_ref.id                         1 
_struct_ref.db_name                    PDB 
_struct_ref.db_code                    4RP2 
_struct_ref.pdbx_db_accession          4RP2 
_struct_ref.entity_id                  1 
_struct_ref.pdbx_align_begin           ? 
_struct_ref.pdbx_seq_one_letter_code   GGATAGCTAGGAG 
_struct_ref.pdbx_db_isoform            ? 
# 
_struct_ref_seq.align_id                      1 
_struct_ref_seq.ref_id                        1 
_struct_ref_seq.pdbx_PDB_id_code              4RP2 
_struct_ref_seq.pdbx_strand_id                A 
_struct_ref_seq.seq_align_beg                 1 
_struct_ref_seq.pdbx_seq_align_beg_ins_code   ? 
_struct_ref_seq.seq_align_end                 13 
_struct_ref_seq.pdbx_seq_align_end_ins_code   ? 
_struct_ref_seq.pdbx_db_accession             4RP2 
_struct_ref_seq.db_align_beg                  1 
_struct_ref_seq.pdbx_db_align_beg_ins_code    ? 
_struct_ref_seq.db_align_end                  13 
_struct_ref_seq.pdbx_db_align_end_ins_code    ? 
_struct_ref_seq.pdbx_auth_seq_align_beg       1 
_struct_ref_seq.pdbx_auth_seq_align_end       13 
# 
loop_
_chem_comp.id 
_chem_comp.type 
_chem_comp.mon_nstd_flag 
_chem_comp.name 
_chem_comp.pdbx_synonyms 
_chem_comp.formula 
_chem_comp.formula_weight 
DA  'DNA linking' y "2'-DEOXYADENOSINE-5'-MONOPHOSPHATE" ? 'C10 H14 N5 O6 P' 331.222 
DC  'DNA linking' y "2'-DEOXYCYTIDINE-5'-MONOPHOSPHATE"  ? 'C9 H14 N3 O7 P'  307.197 
DG  'DNA linking' y "2'-DEOXYGUANOSINE-5'-MONOPHOSPHATE" ? 'C10 H14 N5 O7 P' 347.221 
DT  'DNA linking' y "THYMIDINE-5'-MONOPHOSPHATE"         ? 'C10 H15 N2 O8 P' 322.208 
HOH non-polymer   . WATER                                ? 'H2 O'            18.015  
MG  non-polymer   . 'MAGNESIUM ION'                      ? 'Mg 2'            24.305  
# 
_exptl.entry_id          4RP2 
_exptl.method            'X-RAY DIFFRACTION' 
_exptl.crystals_number   1 
# 
_exptl_crystal.id                    1 
_exptl_crystal.density_meas          ? 
_exptl_crystal.density_Matthews      3.05 
_exptl_crystal.density_percent_sol   59.64 
_exptl_crystal.description           ? 
_exptl_crystal.F_000                 ? 
_exptl_crystal.preparation           ? 
# 
_exptl_crystal_grow.crystal_id      1 
_exptl_crystal_grow.method          EVAPORATION 
_exptl_crystal_grow.temp            298 
_exptl_crystal_grow.temp_details    ? 
_exptl_crystal_grow.pH              ? 
_exptl_crystal_grow.pdbx_details    
'120mM Magnesium Formate, 50mM Lithium Chloride, 10% MPD, pH none, EVAPORATION, temperature 298K' 
_exptl_crystal_grow.pdbx_pH_range   none 
# 
_diffrn.id                     1 
_diffrn.ambient_temp           100 
_diffrn.ambient_temp_details   ? 
_diffrn.crystal_id             1 
# 
_diffrn_detector.diffrn_id              1 
_diffrn_detector.detector               PIXEL 
_diffrn_detector.type                   'DECTRIS PILATUS 6M-F' 
_diffrn_detector.pdbx_collection_date   2014-06-29 
_diffrn_detector.details                ? 
# 
_diffrn_radiation.diffrn_id                        1 
_diffrn_radiation.wavelength_id                    1 
_diffrn_radiation.pdbx_monochromatic_or_laue_m_l   M 
_diffrn_radiation.monochromator                    'Si(111)' 
_diffrn_radiation.pdbx_diffrn_protocol             'SINGLE WAVELENGTH' 
_diffrn_radiation.pdbx_scattering_type             x-ray 
# 
_diffrn_radiation_wavelength.id           1 
_diffrn_radiation_wavelength.wavelength   0.979200 
_diffrn_radiation_wavelength.wt           1.0 
# 
_diffrn_source.diffrn_id                   1 
_diffrn_source.source                      SYNCHROTRON 
_diffrn_source.type                        'APS BEAMLINE 24-ID-C' 
_diffrn_source.pdbx_synchrotron_site       APS 
_diffrn_source.pdbx_synchrotron_beamline   24-ID-C 
_diffrn_source.pdbx_wavelength             ? 
_diffrn_source.pdbx_wavelength_list        0.979200 
# 
_reflns.entry_id                     4RP2 
_reflns.observed_criterion_sigma_I   0 
_reflns.observed_criterion_sigma_F   0 
_reflns.d_resolution_low             35.32 
_reflns.d_resolution_high            2.32 
_reflns.number_obs                   2079 
_reflns.number_all                   ? 
_reflns.percent_possible_obs         ? 
_reflns.pdbx_Rmerge_I_obs            0.030 
_reflns.pdbx_Rsym_value              ? 
_reflns.pdbx_netI_over_sigmaI        21.1 
_reflns.B_iso_Wilson_estimate        ? 
_reflns.pdbx_redundancy              2.9 
_reflns.R_free_details               ? 
_reflns.limit_h_max                  ? 
_reflns.limit_h_min                  ? 
_reflns.limit_k_max                  ? 
_reflns.limit_k_min                  ? 
_reflns.limit_l_max                  ? 
_reflns.limit_l_min                  ? 
_reflns.observed_criterion_F_max     ? 
_reflns.observed_criterion_F_min     ? 
_reflns.pdbx_chi_squared             ? 
_reflns.pdbx_scaling_rejects         ? 
_reflns.pdbx_ordinal                 1 
_reflns.pdbx_diffrn_id               1 
# 
_reflns_shell.d_res_high             2.32 
_reflns_shell.d_res_low              2.45 
_reflns_shell.percent_possible_all   ? 
_reflns_shell.Rmerge_I_obs           0.582 
_reflns_shell.pdbx_Rsym_value        ? 
_reflns_shell.meanI_over_sigI_obs    1.6 
_reflns_shell.pdbx_redundancy        2.9 
_reflns_shell.percent_possible_obs   ? 
_reflns_shell.number_unique_all      317 
_reflns_shell.number_measured_all    ? 
_reflns_shell.number_measured_obs    ? 
_reflns_shell.number_unique_obs      ? 
_reflns_shell.pdbx_chi_squared       ? 
_reflns_shell.pdbx_ordinal           1 
_reflns_shell.pdbx_diffrn_id         1 
# 
_refine.entry_id                                 4RP2 
_refine.ls_number_reflns_obs                     1878 
_refine.ls_number_reflns_all                     ? 
_refine.pdbx_ls_sigma_I                          ? 
_refine.pdbx_ls_sigma_F                          . 
_refine.pdbx_data_cutoff_high_absF               ? 
_refine.pdbx_data_cutoff_low_absF                ? 
_refine.pdbx_data_cutoff_high_rms_absF           ? 
_refine.ls_d_res_low                             35.32 
_refine.ls_d_res_high                            2.32 
_refine.ls_percent_reflns_obs                    95.39 
_refine.ls_R_factor_obs                          0.20549 
_refine.ls_R_factor_all                          ? 
_refine.ls_R_factor_R_work                       0.20293 
_refine.ls_R_factor_R_free                       0.23145 
_refine.ls_R_factor_R_free_error                 ? 
_refine.ls_R_factor_R_free_error_details         ? 
_refine.ls_percent_reflns_R_free                 9.3 
_refine.ls_number_reflns_R_free                  192 
_refine.ls_number_parameters                     ? 
_refine.ls_number_restraints                     ? 
_refine.occupancy_min                            ? 
_refine.occupancy_max                            ? 
_refine.correlation_coeff_Fo_to_Fc               0.970 
_refine.correlation_coeff_Fo_to_Fc_free          0.962 
_refine.B_iso_mean                               91.721 
_refine.aniso_B[1][1]                            -0.04 
_refine.aniso_B[2][2]                            -0.04 
_refine.aniso_B[3][3]                            0.14 
_refine.aniso_B[1][2]                            -0.02 
_refine.aniso_B[1][3]                            0.00 
_refine.aniso_B[2][3]                            0.00 
_refine.solvent_model_details                    MASK 
_refine.solvent_model_param_ksol                 ? 
_refine.solvent_model_param_bsol                 ? 
_refine.pdbx_solvent_vdw_probe_radii             1.00 
_refine.pdbx_solvent_ion_probe_radii             0.70 
_refine.pdbx_solvent_shrinkage_radii             0.70 
_refine.pdbx_ls_cross_valid_method               THROUGHOUT 
_refine.details                                  'HYDROGENS HAVE BEEN ADDED IN THE RIDING POSITIONS' 
_refine.pdbx_starting_model                      'PDB ENTRY 1p1y' 
_refine.pdbx_method_to_determine_struct          'MOLECULAR REPLACEMENT' 
_refine.pdbx_isotropic_thermal_model             ? 
_refine.pdbx_stereochemistry_target_values       'MAXIMUM LIKELIHOOD' 
_refine.pdbx_stereochem_target_val_spec_case     ? 
_refine.pdbx_R_Free_selection_details            RANDOM 
_refine.pdbx_overall_ESU_R                       0.273 
_refine.pdbx_overall_ESU_R_Free                  0.209 
_refine.overall_SU_ML                            0.184 
_refine.pdbx_overall_phase_error                 ? 
_refine.overall_SU_B                             20.960 
_refine.overall_SU_R_Cruickshank_DPI             ? 
_refine.ls_redundancy_reflns_obs                 ? 
_refine.B_iso_min                                ? 
_refine.B_iso_max                                ? 
_refine.overall_SU_R_free                        ? 
_refine.ls_wR_factor_R_free                      ? 
_refine.ls_wR_factor_R_work                      ? 
_refine.overall_FOM_free_R_set                   ? 
_refine.overall_FOM_work_R_set                   ? 
_refine.pdbx_diffrn_id                           1 
_refine.pdbx_refine_id                           'X-RAY DIFFRACTION' 
_refine.pdbx_TLS_residual_ADP_flag               ? 
_refine.pdbx_overall_SU_R_free_Cruickshank_DPI   ? 
_refine.pdbx_overall_SU_R_Blow_DPI               ? 
_refine.pdbx_overall_SU_R_free_Blow_DPI          ? 
# 
_refine_hist.pdbx_refine_id                   'X-RAY DIFFRACTION' 
_refine_hist.cycle_id                         LAST 
_refine_hist.pdbx_number_atoms_protein        0 
_refine_hist.pdbx_number_atoms_nucleic_acid   254 
_refine_hist.pdbx_number_atoms_ligand         1 
_refine_hist.number_atoms_solvent             3 
_refine_hist.number_atoms_total               258 
_refine_hist.d_res_high                       2.32 
_refine_hist.d_res_low                        35.32 
# 
loop_
_refine_ls_restr.type 
_refine_ls_restr.dev_ideal 
_refine_ls_restr.dev_ideal_target 
_refine_ls_restr.weight 
_refine_ls_restr.number 
_refine_ls_restr.pdbx_restraint_function 
_refine_ls_restr.pdbx_refine_id 
r_bond_refined_d             0.006 0.011  ? 286 ? 'X-RAY DIFFRACTION' 
r_bond_other_d               0.002 0.020  ? 135 ? 'X-RAY DIFFRACTION' 
r_angle_refined_deg          1.161 1.155  ? 442 ? 'X-RAY DIFFRACTION' 
r_angle_other_deg            3.517 3.000  ? 319 ? 'X-RAY DIFFRACTION' 
r_dihedral_angle_1_deg       ?     ?      ? ?   ? 'X-RAY DIFFRACTION' 
r_dihedral_angle_2_deg       ?     ?      ? ?   ? 'X-RAY DIFFRACTION' 
r_dihedral_angle_3_deg       ?     ?      ? ?   ? 'X-RAY DIFFRACTION' 
r_dihedral_angle_4_deg       ?     ?      ? ?   ? 'X-RAY DIFFRACTION' 
r_chiral_restr               0.132 0.200  ? 36  ? 'X-RAY DIFFRACTION' 
r_gen_planes_refined         0.009 0.020  ? 151 ? 'X-RAY DIFFRACTION' 
r_gen_planes_other           0.001 0.020  ? 62  ? 'X-RAY DIFFRACTION' 
r_nbd_refined                ?     ?      ? ?   ? 'X-RAY DIFFRACTION' 
r_nbd_other                  ?     ?      ? ?   ? 'X-RAY DIFFRACTION' 
r_nbtor_refined              ?     ?      ? ?   ? 'X-RAY DIFFRACTION' 
r_nbtor_other                ?     ?      ? ?   ? 'X-RAY DIFFRACTION' 
r_xyhbond_nbd_refined        ?     ?      ? ?   ? 'X-RAY DIFFRACTION' 
r_xyhbond_nbd_other          ?     ?      ? ?   ? 'X-RAY DIFFRACTION' 
r_metal_ion_refined          ?     ?      ? ?   ? 'X-RAY DIFFRACTION' 
r_metal_ion_other            ?     ?      ? ?   ? 'X-RAY DIFFRACTION' 
r_symmetry_vdw_refined       ?     ?      ? ?   ? 'X-RAY DIFFRACTION' 
r_symmetry_vdw_other         ?     ?      ? ?   ? 'X-RAY DIFFRACTION' 
r_symmetry_hbond_refined     ?     ?      ? ?   ? 'X-RAY DIFFRACTION' 
r_symmetry_hbond_other       ?     ?      ? ?   ? 'X-RAY DIFFRACTION' 
r_symmetry_metal_ion_refined ?     ?      ? ?   ? 'X-RAY DIFFRACTION' 
r_symmetry_metal_ion_other   ?     ?      ? ?   ? 'X-RAY DIFFRACTION' 
r_mcbond_it                  ?     ?      ? ?   ? 'X-RAY DIFFRACTION' 
r_mcbond_other               ?     ?      ? ?   ? 'X-RAY DIFFRACTION' 
r_mcangle_it                 ?     ?      ? ?   ? 'X-RAY DIFFRACTION' 
r_mcangle_other              ?     ?      ? ?   ? 'X-RAY DIFFRACTION' 
r_scbond_it                  4.314 5.067  ? 286 ? 'X-RAY DIFFRACTION' 
r_scbond_other               4.263 5.041  ? 284 ? 'X-RAY DIFFRACTION' 
r_scangle_it                 ?     ?      ? ?   ? 'X-RAY DIFFRACTION' 
r_scangle_other              6.684 7.613  ? 439 ? 'X-RAY DIFFRACTION' 
r_long_range_B_refined       7.683 48.140 ? 419 ? 'X-RAY DIFFRACTION' 
r_long_range_B_other         7.684 48.002 ? 419 ? 'X-RAY DIFFRACTION' 
r_rigid_bond_restr           ?     ?      ? ?   ? 'X-RAY DIFFRACTION' 
r_sphericity_free            ?     ?      ? ?   ? 'X-RAY DIFFRACTION' 
r_sphericity_bonded          ?     ?      ? ?   ? 'X-RAY DIFFRACTION' 
# 
_refine_ls_shell.pdbx_total_number_of_bins_used   20 
_refine_ls_shell.d_res_high                       2.321 
_refine_ls_shell.d_res_low                        2.381 
_refine_ls_shell.number_reflns_R_work             147 
_refine_ls_shell.R_factor_R_work                  0.574 
_refine_ls_shell.percent_reflns_obs               96.99 
_refine_ls_shell.R_factor_R_free                  0.440 
_refine_ls_shell.R_factor_R_free_error            ? 
_refine_ls_shell.percent_reflns_R_free            ? 
_refine_ls_shell.number_reflns_R_free             14 
_refine_ls_shell.number_reflns_all                ? 
_refine_ls_shell.R_factor_all                     ? 
_refine_ls_shell.number_reflns_obs                ? 
_refine_ls_shell.redundancy_reflns_obs            ? 
_refine_ls_shell.pdbx_refine_id                   'X-RAY DIFFRACTION' 
# 
_struct.entry_id                  4RP2 
_struct.title                     'Sequence and structure of a self-assembled 3-D DNA crystal: D(GGATAGCTAGGAG)' 
_struct.pdbx_model_details        ? 
_struct.pdbx_CASP_flag            ? 
_struct.pdbx_model_type_details   ? 
# 
_struct_keywords.entry_id        4RP2 
_struct_keywords.pdbx_keywords   DNA 
_struct_keywords.text            'Self-assembling 3D DNA crystal, DNA' 
# 
loop_
_struct_asym.id 
_struct_asym.pdbx_blank_PDB_chainid_flag 
_struct_asym.pdbx_modified 
_struct_asym.entity_id 
_struct_asym.details 
A N N 1 ? 
B N N 2 ? 
C N N 3 ? 
# 
_struct_biol.id        1 
_struct_biol.details   ? 
# 
loop_
_struct_conn.id 
_struct_conn.conn_type_id 
_struct_conn.pdbx_leaving_atom_flag 
_struct_conn.pdbx_PDB_id 
_struct_conn.ptnr1_label_asym_id 
_struct_conn.ptnr1_label_comp_id 
_struct_conn.ptnr1_label_seq_id 
_struct_conn.ptnr1_label_atom_id 
_struct_conn.pdbx_ptnr1_label_alt_id 
_struct_conn.pdbx_ptnr1_PDB_ins_code 
_struct_conn.pdbx_ptnr1_standard_comp_id 
_struct_conn.ptnr1_symmetry 
_struct_conn.ptnr2_label_asym_id 
_struct_conn.ptnr2_label_comp_id 
_struct_conn.ptnr2_label_seq_id 
_struct_conn.ptnr2_label_atom_id 
_struct_conn.pdbx_ptnr2_label_alt_id 
_struct_conn.pdbx_ptnr2_PDB_ins_code 
_struct_conn.ptnr1_auth_asym_id 
_struct_conn.ptnr1_auth_comp_id 
_struct_conn.ptnr1_auth_seq_id 
_struct_conn.ptnr2_auth_asym_id 
_struct_conn.ptnr2_auth_comp_id 
_struct_conn.ptnr2_auth_seq_id 
_struct_conn.ptnr2_symmetry 
_struct_conn.pdbx_ptnr3_label_atom_id 
_struct_conn.pdbx_ptnr3_label_seq_id 
_struct_conn.pdbx_ptnr3_label_comp_id 
_struct_conn.pdbx_ptnr3_label_asym_id 
_struct_conn.pdbx_ptnr3_label_alt_id 
_struct_conn.pdbx_ptnr3_PDB_ins_code 
_struct_conn.details 
_struct_conn.pdbx_dist_value 
_struct_conn.pdbx_value_order 
_struct_conn.pdbx_role 
metalc1  metalc ? ? B MG . MG ? ? ? 1_555 C HOH . O  ? ? A MG 101 A HOH 202 1_555 ? ? ? ? ? ? ?            1.902 ? ? 
metalc2  metalc ? ? B MG . MG ? ? ? 1_555 C HOH . O  ? ? A MG 101 A HOH 203 1_555 ? ? ? ? ? ? ?            2.304 ? ? 
hydrog1  hydrog ? ? A DT 4 N3 ? ? ? 1_555 A DA  9 N1 ? ? A DT 4   A DA  9   4_545 ? ? ? ? ? ? WATSON-CRICK ?     ? ? 
hydrog2  hydrog ? ? A DT 4 O4 ? ? ? 1_555 A DA  9 N6 ? ? A DT 4   A DA  9   4_545 ? ? ? ? ? ? WATSON-CRICK ?     ? ? 
hydrog3  hydrog ? ? A DA 5 N1 ? ? ? 1_555 A DT  8 N3 ? ? A DA 5   A DT  8   4_545 ? ? ? ? ? ? WATSON-CRICK ?     ? ? 
hydrog4  hydrog ? ? A DA 5 N6 ? ? ? 1_555 A DT  8 O4 ? ? A DA 5   A DT  8   4_545 ? ? ? ? ? ? WATSON-CRICK ?     ? ? 
hydrog5  hydrog ? ? A DG 6 N1 ? ? ? 1_555 A DC  7 N3 ? ? A DG 6   A DC  7   4_545 ? ? ? ? ? ? WATSON-CRICK ?     ? ? 
hydrog6  hydrog ? ? A DG 6 N2 ? ? ? 1_555 A DC  7 O2 ? ? A DG 6   A DC  7   4_545 ? ? ? ? ? ? WATSON-CRICK ?     ? ? 
hydrog7  hydrog ? ? A DG 6 O6 ? ? ? 1_555 A DC  7 N4 ? ? A DG 6   A DC  7   4_545 ? ? ? ? ? ? WATSON-CRICK ?     ? ? 
hydrog8  hydrog ? ? A DC 7 N3 ? ? ? 1_555 A DG  6 N1 ? ? A DC 7   A DG  6   4_545 ? ? ? ? ? ? WATSON-CRICK ?     ? ? 
hydrog9  hydrog ? ? A DC 7 N4 ? ? ? 1_555 A DG  6 O6 ? ? A DC 7   A DG  6   4_545 ? ? ? ? ? ? WATSON-CRICK ?     ? ? 
hydrog10 hydrog ? ? A DC 7 O2 ? ? ? 1_555 A DG  6 N2 ? ? A DC 7   A DG  6   4_545 ? ? ? ? ? ? WATSON-CRICK ?     ? ? 
hydrog11 hydrog ? ? A DT 8 N3 ? ? ? 1_555 A DA  5 N1 ? ? A DT 8   A DA  5   4_545 ? ? ? ? ? ? WATSON-CRICK ?     ? ? 
hydrog12 hydrog ? ? A DT 8 O4 ? ? ? 1_555 A DA  5 N6 ? ? A DT 8   A DA  5   4_545 ? ? ? ? ? ? WATSON-CRICK ?     ? ? 
hydrog13 hydrog ? ? A DA 9 N1 ? ? ? 1_555 A DT  4 N3 ? ? A DA 9   A DT  4   4_545 ? ? ? ? ? ? WATSON-CRICK ?     ? ? 
hydrog14 hydrog ? ? A DA 9 N6 ? ? ? 1_555 A DT  4 O4 ? ? A DA 9   A DT  4   4_545 ? ? ? ? ? ? WATSON-CRICK ?     ? ? 
# 
loop_
_struct_conn_type.id 
_struct_conn_type.criteria 
_struct_conn_type.reference 
metalc ? ? 
hydrog ? ? 
# 
_struct_site.id                   AC1 
_struct_site.pdbx_evidence_code   Software 
_struct_site.pdbx_auth_asym_id    A 
_struct_site.pdbx_auth_comp_id    MG 
_struct_site.pdbx_auth_seq_id     101 
_struct_site.pdbx_auth_ins_code   ? 
_struct_site.pdbx_num_residues    3 
_struct_site.details              'BINDING SITE FOR RESIDUE MG A 101' 
# 
loop_
_struct_site_gen.id 
_struct_site_gen.site_id 
_struct_site_gen.pdbx_num_res 
_struct_site_gen.label_comp_id 
_struct_site_gen.label_asym_id 
_struct_site_gen.label_seq_id 
_struct_site_gen.pdbx_auth_ins_code 
_struct_site_gen.auth_comp_id 
_struct_site_gen.auth_asym_id 
_struct_site_gen.auth_seq_id 
_struct_site_gen.label_atom_id 
_struct_site_gen.label_alt_id 
_struct_site_gen.symmetry 
_struct_site_gen.details 
1 AC1 3 DA  A 3 ? DA  A 3   . ? 1_555 ? 
2 AC1 3 HOH C . ? HOH A 202 . ? 1_555 ? 
3 AC1 3 HOH C . ? HOH A 203 . ? 1_555 ? 
# 
_atom_sites.entry_id                    4RP2 
_atom_sites.fract_transf_matrix[1][1]   0.00309730 
_atom_sites.fract_transf_matrix[1][2]   -0.02187321 
_atom_sites.fract_transf_matrix[1][3]   0.01771290 
_atom_sites.fract_transf_matrix[2][1]   0.01093789 
_atom_sites.fract_transf_matrix[2][2]   0.00410758 
_atom_sites.fract_transf_matrix[2][3]   0.02579205 
_atom_sites.fract_transf_matrix[3][1]   -0.01770371 
_atom_sites.fract_transf_matrix[3][2]   0.00316476 
_atom_sites.fract_transf_matrix[3][3]   0.00700378 
_atom_sites.fract_transf_vector[1]      0.064361 
_atom_sites.fract_transf_vector[2]      -0.422235 
_atom_sites.fract_transf_vector[3]      -0.228945 
# 
loop_
_atom_type.symbol 
C  
MG 
N  
O  
P  
# 
loop_
_atom_site.group_PDB 
_atom_site.id 
_atom_site.type_symbol 
_atom_site.label_atom_id 
_atom_site.label_alt_id 
_atom_site.label_comp_id 
_atom_site.label_asym_id 
_atom_site.label_entity_id 
_atom_site.label_seq_id 
_atom_site.pdbx_PDB_ins_code 
_atom_site.Cartn_x 
_atom_site.Cartn_y 
_atom_site.Cartn_z 
_atom_site.occupancy 
_atom_site.B_iso_or_equiv 
_atom_site.pdbx_formal_charge 
_atom_site.auth_seq_id 
_atom_site.auth_comp_id 
_atom_site.auth_asym_id 
_atom_site.auth_atom_id 
_atom_site.pdbx_PDB_model_num 
ATOM   1   O  "O5'" . DG  A 1 1  ? -19.988 12.052  -2.157  1.00 106.04 ? 1   DG  A "O5'" 1 
ATOM   2   C  "C5'" . DG  A 1 1  ? -19.416 12.852  -3.220  1.00 101.33 ? 1   DG  A "C5'" 1 
ATOM   3   C  "C4'" . DG  A 1 1  ? -18.159 12.189  -3.733  1.00 94.67  ? 1   DG  A "C4'" 1 
ATOM   4   O  "O4'" . DG  A 1 1  ? -16.901 12.548  -3.113  1.00 90.18  ? 1   DG  A "O4'" 1 
ATOM   5   C  "C3'" . DG  A 1 1  ? -18.121 10.684  -3.977  1.00 92.81  ? 1   DG  A "C3'" 1 
ATOM   6   O  "O3'" . DG  A 1 1  ? -17.455 10.399  -5.209  1.00 96.30  ? 1   DG  A "O3'" 1 
ATOM   7   C  "C2'" . DG  A 1 1  ? -17.256 10.220  -2.823  1.00 85.45  ? 1   DG  A "C2'" 1 
ATOM   8   C  "C1'" . DG  A 1 1  ? -16.221 11.347  -2.748  1.00 83.11  ? 1   DG  A "C1'" 1 
ATOM   9   N  N9    . DG  A 1 1  ? -15.649 11.532  -1.420  1.00 76.60  ? 1   DG  A N9    1 
ATOM   10  C  C8    . DG  A 1 1  ? -14.332 11.386  -1.059  1.00 75.85  ? 1   DG  A C8    1 
ATOM   11  N  N7    . DG  A 1 1  ? -14.126 11.580  0.216   1.00 74.23  ? 1   DG  A N7    1 
ATOM   12  C  C5    . DG  A 1 1  ? -15.384 11.865  0.727   1.00 72.10  ? 1   DG  A C5    1 
ATOM   13  C  C6    . DG  A 1 1  ? -15.791 12.164  2.053   1.00 72.83  ? 1   DG  A C6    1 
ATOM   14  O  O6    . DG  A 1 1  ? -15.096 12.240  3.074   1.00 71.22  ? 1   DG  A O6    1 
ATOM   15  N  N1    . DG  A 1 1  ? -17.161 12.392  2.128   1.00 74.98  ? 1   DG  A N1    1 
ATOM   16  C  C2    . DG  A 1 1  ? -18.030 12.335  1.066   1.00 80.42  ? 1   DG  A C2    1 
ATOM   17  N  N2    . DG  A 1 1  ? -19.319 12.586  1.337   1.00 91.57  ? 1   DG  A N2    1 
ATOM   18  N  N3    . DG  A 1 1  ? -17.666 12.049  -0.172  1.00 79.05  ? 1   DG  A N3    1 
ATOM   19  C  C4    . DG  A 1 1  ? -16.337 11.830  -0.268  1.00 75.80  ? 1   DG  A C4    1 
ATOM   20  P  P     . DG  A 1 2  ? -17.238 8.873   -5.678  1.00 99.40  ? 2   DG  A P     1 
ATOM   21  O  OP1   . DG  A 1 2  ? -16.697 8.904   -7.066  1.00 101.59 ? 2   DG  A OP1   1 
ATOM   22  O  OP2   . DG  A 1 2  ? -18.484 8.108   -5.372  1.00 101.38 ? 2   DG  A OP2   1 
ATOM   23  O  "O5'" . DG  A 1 2  ? -16.115 8.312   -4.684  1.00 92.22  ? 2   DG  A "O5'" 1 
ATOM   24  C  "C5'" . DG  A 1 2  ? -14.707 8.625   -4.821  1.00 78.72  ? 2   DG  A "C5'" 1 
ATOM   25  C  "C4'" . DG  A 1 2  ? -13.888 7.808   -3.850  1.00 74.21  ? 2   DG  A "C4'" 1 
ATOM   26  O  "O4'" . DG  A 1 2  ? -14.106 8.243   -2.487  1.00 71.01  ? 2   DG  A "O4'" 1 
ATOM   27  C  "C3'" . DG  A 1 2  ? -14.194 6.310   -3.856  1.00 74.06  ? 2   DG  A "C3'" 1 
ATOM   28  O  "O3'" . DG  A 1 2  ? -12.976 5.586   -3.696  1.00 74.51  ? 2   DG  A "O3'" 1 
ATOM   29  C  "C2'" . DG  A 1 2  ? -15.049 6.113   -2.621  1.00 70.98  ? 2   DG  A "C2'" 1 
ATOM   30  C  "C1'" . DG  A 1 2  ? -14.436 7.120   -1.680  1.00 68.58  ? 2   DG  A "C1'" 1 
ATOM   31  N  N9    . DG  A 1 2  ? -15.318 7.578   -0.618  1.00 68.25  ? 2   DG  A N9    1 
ATOM   32  C  C8    . DG  A 1 2  ? -16.690 7.646   -0.637  1.00 69.63  ? 2   DG  A C8    1 
ATOM   33  N  N7    . DG  A 1 2  ? -17.192 8.106   0.476   1.00 72.61  ? 2   DG  A N7    1 
ATOM   34  C  C5    . DG  A 1 2  ? -16.087 8.357   1.274   1.00 65.08  ? 2   DG  A C5    1 
ATOM   35  C  C6    . DG  A 1 2  ? -16.007 8.859   2.592   1.00 68.48  ? 2   DG  A C6    1 
ATOM   36  O  O6    . DG  A 1 2  ? -16.930 9.201   3.341   1.00 75.43  ? 2   DG  A O6    1 
ATOM   37  N  N1    . DG  A 1 2  ? -14.688 8.946   3.028   1.00 67.12  ? 2   DG  A N1    1 
ATOM   38  C  C2    . DG  A 1 2  ? -13.586 8.583   2.288   1.00 64.10  ? 2   DG  A C2    1 
ATOM   39  N  N2    . DG  A 1 2  ? -12.395 8.737   2.880   1.00 63.43  ? 2   DG  A N2    1 
ATOM   40  N  N3    . DG  A 1 2  ? -13.651 8.110   1.056   1.00 59.69  ? 2   DG  A N3    1 
ATOM   41  C  C4    . DG  A 1 2  ? -14.923 8.040   0.611   1.00 63.50  ? 2   DG  A C4    1 
ATOM   42  P  P     . DA  A 1 3  ? -12.605 4.411   -4.696  1.00 75.88  ? 3   DA  A P     1 
ATOM   43  O  OP1   . DA  A 1 3  ? -13.254 4.683   -6.017  1.00 76.59  ? 3   DA  A OP1   1 
ATOM   44  O  OP2   . DA  A 1 3  ? -12.889 3.115   -4.003  1.00 86.50  ? 3   DA  A OP2   1 
ATOM   45  O  "O5'" . DA  A 1 3  ? -11.030 4.603   -4.829  1.00 78.17  ? 3   DA  A "O5'" 1 
ATOM   46  C  "C5'" . DA  A 1 3  ? -10.385 5.800   -4.365  1.00 78.72  ? 3   DA  A "C5'" 1 
ATOM   47  C  "C4'" . DA  A 1 3  ? -8.902  5.572   -4.179  1.00 77.56  ? 3   DA  A "C4'" 1 
ATOM   48  O  "O4'" . DA  A 1 3  ? -8.614  5.595   -2.763  1.00 73.66  ? 3   DA  A "O4'" 1 
ATOM   49  C  "C3'" . DA  A 1 3  ? -8.372  4.223   -4.652  1.00 81.12  ? 3   DA  A "C3'" 1 
ATOM   50  O  "O3'" . DA  A 1 3  ? -6.933  4.266   -4.805  1.00 94.36  ? 3   DA  A "O3'" 1 
ATOM   51  C  "C2'" . DA  A 1 3  ? -8.717  3.336   -3.465  1.00 76.24  ? 3   DA  A "C2'" 1 
ATOM   52  C  "C1'" . DA  A 1 3  ? -8.413  4.266   -2.285  1.00 70.81  ? 3   DA  A "C1'" 1 
ATOM   53  N  N9    . DA  A 1 3  ? -9.214  4.117   -1.070  1.00 63.93  ? 3   DA  A N9    1 
ATOM   54  C  C8    . DA  A 1 3  ? -10.569 4.300   -0.946  1.00 66.44  ? 3   DA  A C8    1 
ATOM   55  N  N7    . DA  A 1 3  ? -11.008 4.175   0.283   1.00 65.82  ? 3   DA  A N7    1 
ATOM   56  C  C5    . DA  A 1 3  ? -9.861  3.921   1.023   1.00 67.55  ? 3   DA  A C5    1 
ATOM   57  C  C6    . DA  A 1 3  ? -9.649  3.711   2.397   1.00 71.72  ? 3   DA  A C6    1 
ATOM   58  N  N6    . DA  A 1 3  ? -10.629 3.698   3.302   1.00 80.34  ? 3   DA  A N6    1 
ATOM   59  N  N1    . DA  A 1 3  ? -8.379  3.506   2.814   1.00 66.90  ? 3   DA  A N1    1 
ATOM   60  C  C2    . DA  A 1 3  ? -7.401  3.503   1.902   1.00 68.40  ? 3   DA  A C2    1 
ATOM   61  N  N3    . DA  A 1 3  ? -7.474  3.699   0.584   1.00 69.32  ? 3   DA  A N3    1 
ATOM   62  C  C4    . DA  A 1 3  ? -8.747  3.902   0.204   1.00 66.58  ? 3   DA  A C4    1 
ATOM   63  P  P     . DT  A 1 4  ? -6.172  4.628   -6.223  1.00 92.42  ? 4   DT  A P     1 
ATOM   64  O  OP1   . DT  A 1 4  ? -4.715  4.754   -5.915  1.00 91.22  ? 4   DT  A OP1   1 
ATOM   65  O  OP2   . DT  A 1 4  ? -6.867  5.781   -6.857  1.00 92.13  ? 4   DT  A OP2   1 
ATOM   66  O  "O5'" . DT  A 1 4  ? -6.353  3.303   -7.104  1.00 92.66  ? 4   DT  A "O5'" 1 
ATOM   67  C  "C5'" . DT  A 1 4  ? -7.247  3.258   -8.251  1.00 96.44  ? 4   DT  A "C5'" 1 
ATOM   68  C  "C4'" . DT  A 1 4  ? -6.958  2.073   -9.150  1.00 97.54  ? 4   DT  A "C4'" 1 
ATOM   69  O  "O4'" . DT  A 1 4  ? -5.986  2.446   -10.155 1.00 100.33 ? 4   DT  A "O4'" 1 
ATOM   70  C  "C3'" . DT  A 1 4  ? -6.381  0.836   -8.463  1.00 97.16  ? 4   DT  A "C3'" 1 
ATOM   71  O  "O3'" . DT  A 1 4  ? -6.730  -0.391  -9.128  1.00 109.27 ? 4   DT  A "O3'" 1 
ATOM   72  C  "C2'" . DT  A 1 4  ? -4.888  1.045   -8.606  1.00 95.71  ? 4   DT  A "C2'" 1 
ATOM   73  C  "C1'" . DT  A 1 4  ? -4.762  1.749   -9.946  1.00 94.22  ? 4   DT  A "C1'" 1 
ATOM   74  N  N1    . DT  A 1 4  ? -3.669  2.732   -9.965  1.00 88.66  ? 4   DT  A N1    1 
ATOM   75  C  C2    . DT  A 1 4  ? -2.506  2.420   -10.632 1.00 92.11  ? 4   DT  A C2    1 
ATOM   76  O  O2    . DT  A 1 4  ? -2.346  1.377   -11.245 1.00 91.58  ? 4   DT  A O2    1 
ATOM   77  N  N3    . DT  A 1 4  ? -1.539  3.391   -10.575 1.00 93.30  ? 4   DT  A N3    1 
ATOM   78  C  C4    . DT  A 1 4  ? -1.616  4.610   -9.925  1.00 89.96  ? 4   DT  A C4    1 
ATOM   79  O  O4    . DT  A 1 4  ? -0.665  5.384   -9.962  1.00 97.72  ? 4   DT  A O4    1 
ATOM   80  C  C5    . DT  A 1 4  ? -2.858  4.863   -9.237  1.00 84.62  ? 4   DT  A C5    1 
ATOM   81  C  C7    . DT  A 1 4  ? -3.034  6.153   -8.502  1.00 86.33  ? 4   DT  A C7    1 
ATOM   82  C  C6    . DT  A 1 4  ? -3.804  3.919   -9.281  1.00 84.39  ? 4   DT  A C6    1 
ATOM   83  P  P     . DA  A 1 5  ? -7.042  -1.739  -8.275  1.00 109.67 ? 5   DA  A P     1 
ATOM   84  O  OP1   . DA  A 1 5  ? -8.517  -1.947  -8.303  1.00 110.74 ? 5   DA  A OP1   1 
ATOM   85  O  OP2   . DA  A 1 5  ? -6.324  -1.663  -6.966  1.00 103.96 ? 5   DA  A OP2   1 
ATOM   86  O  "O5'" . DA  A 1 5  ? -6.342  -2.906  -9.108  1.00 109.88 ? 5   DA  A "O5'" 1 
ATOM   87  C  "C5'" . DA  A 1 5  ? -5.341  -2.641  -10.107 1.00 115.16 ? 5   DA  A "C5'" 1 
ATOM   88  C  "C4'" . DA  A 1 5  ? -4.318  -3.753  -10.168 1.00 120.21 ? 5   DA  A "C4'" 1 
ATOM   89  O  "O4'" . DA  A 1 5  ? -2.991  -3.198  -10.040 1.00 115.00 ? 5   DA  A "O4'" 1 
ATOM   90  C  "C3'" . DA  A 1 5  ? -4.383  -4.821  -9.083  1.00 119.26 ? 5   DA  A "C3'" 1 
ATOM   91  O  "O3'" . DA  A 1 5  ? -3.812  -5.988  -9.697  1.00 131.84 ? 5   DA  A "O3'" 1 
ATOM   92  C  "C2'" . DA  A 1 5  ? -3.578  -4.187  -7.958  1.00 112.31 ? 5   DA  A "C2'" 1 
ATOM   93  C  "C1'" . DA  A 1 5  ? -2.533  -3.340  -8.697  1.00 110.54 ? 5   DA  A "C1'" 1 
ATOM   94  N  N9    . DA  A 1 5  ? -2.258  -1.995  -8.181  1.00 99.54  ? 5   DA  A N9    1 
ATOM   95  C  C8    . DA  A 1 5  ? -2.993  -1.218  -7.318  1.00 93.60  ? 5   DA  A C8    1 
ATOM   96  N  N7    . DA  A 1 5  ? -2.472  -0.035  -7.098  1.00 85.22  ? 5   DA  A N7    1 
ATOM   97  C  C5    . DA  A 1 5  ? -1.321  -0.030  -7.871  1.00 85.62  ? 5   DA  A C5    1 
ATOM   98  C  C6    . DA  A 1 5  ? -0.324  0.938   -8.072  1.00 85.04  ? 5   DA  A C6    1 
ATOM   99  N  N6    . DA  A 1 5  ? -0.325  2.133   -7.479  1.00 86.26  ? 5   DA  A N6    1 
ATOM   100 N  N1    . DA  A 1 5  ? 0.699   0.625   -8.897  1.00 89.24  ? 5   DA  A N1    1 
ATOM   101 C  C2    . DA  A 1 5  ? 0.702   -0.578  -9.488  1.00 96.18  ? 5   DA  A C2    1 
ATOM   102 N  N3    . DA  A 1 5  ? -0.185  -1.567  -9.387  1.00 95.04  ? 5   DA  A N3    1 
ATOM   103 C  C4    . DA  A 1 5  ? -1.181  -1.226  -8.552  1.00 92.23  ? 5   DA  A C4    1 
ATOM   104 P  P     . DG  A 1 6  ? -3.477  -7.311  -8.861  1.00 132.81 ? 6   DG  A P     1 
ATOM   105 O  OP1   . DG  A 1 6  ? -3.752  -8.484  -9.744  1.00 132.23 ? 6   DG  A OP1   1 
ATOM   106 O  OP2   . DG  A 1 6  ? -4.139  -7.201  -7.535  1.00 131.08 ? 6   DG  A OP2   1 
ATOM   107 O  "O5'" . DG  A 1 6  ? -1.912  -7.175  -8.592  1.00 121.42 ? 6   DG  A "O5'" 1 
ATOM   108 C  "C5'" . DG  A 1 6  ? -1.006  -6.735  -9.622  1.00 124.37 ? 6   DG  A "C5'" 1 
ATOM   109 C  "C4'" . DG  A 1 6  ? 0.374   -6.571  -9.035  1.00 119.59 ? 6   DG  A "C4'" 1 
ATOM   110 O  "O4'" . DG  A 1 6  ? 0.537   -5.220  -8.538  1.00 114.74 ? 6   DG  A "O4'" 1 
ATOM   111 C  "C3'" . DG  A 1 6  ? 0.631   -7.469  -7.831  1.00 117.56 ? 6   DG  A "C3'" 1 
ATOM   112 O  "O3'" . DG  A 1 6  ? 2.024   -7.754  -7.801  1.00 130.19 ? 6   DG  A "O3'" 1 
ATOM   113 C  "C2'" . DG  A 1 6  ? 0.257   -6.574  -6.666  1.00 109.59 ? 6   DG  A "C2'" 1 
ATOM   114 C  "C1'" . DG  A 1 6  ? 0.859   -5.280  -7.157  1.00 104.74 ? 6   DG  A "C1'" 1 
ATOM   115 N  N9    . DG  A 1 6  ? 0.390   -4.057  -6.512  1.00 92.49  ? 6   DG  A N9    1 
ATOM   116 C  C8    . DG  A 1 6  ? -0.815  -3.831  -5.891  1.00 85.67  ? 6   DG  A C8    1 
ATOM   117 N  N7    . DG  A 1 6  ? -0.911  -2.632  -5.382  1.00 83.48  ? 6   DG  A N7    1 
ATOM   118 C  C5    . DG  A 1 6  ? 0.314   -2.040  -5.661  1.00 84.68  ? 6   DG  A C5    1 
ATOM   119 C  C6    . DG  A 1 6  ? 0.803   -0.737  -5.357  1.00 80.41  ? 6   DG  A C6    1 
ATOM   120 O  O6    . DG  A 1 6  ? 0.237   0.178   -4.744  1.00 74.54  ? 6   DG  A O6    1 
ATOM   121 N  N1    . DG  A 1 6  ? 2.092   -0.546  -5.849  1.00 75.04  ? 6   DG  A N1    1 
ATOM   122 C  C2    . DG  A 1 6  ? 2.819   -1.487  -6.536  1.00 81.79  ? 6   DG  A C2    1 
ATOM   123 N  N2    . DG  A 1 6  ? 4.050   -1.120  -6.922  1.00 85.85  ? 6   DG  A N2    1 
ATOM   124 N  N3    . DG  A 1 6  ? 2.378   -2.701  -6.821  1.00 86.98  ? 6   DG  A N3    1 
ATOM   125 C  C4    . DG  A 1 6  ? 1.128   -2.908  -6.356  1.00 87.06  ? 6   DG  A C4    1 
ATOM   126 P  P     . DC  A 1 7  ? 2.586   -8.854  -6.799  1.00 137.24 ? 7   DC  A P     1 
ATOM   127 O  OP1   . DC  A 1 7  ? 2.767   -10.116 -7.561  1.00 152.06 ? 7   DC  A OP1   1 
ATOM   128 O  OP2   . DC  A 1 7  ? 1.763   -8.833  -5.558  1.00 131.88 ? 7   DC  A OP2   1 
ATOM   129 O  "O5'" . DC  A 1 7  ? 4.031   -8.304  -6.425  1.00 135.63 ? 7   DC  A "O5'" 1 
ATOM   130 C  "C5'" . DC  A 1 7  ? 4.923   -7.763  -7.415  1.00 133.16 ? 7   DC  A "C5'" 1 
ATOM   131 C  "C4'" . DC  A 1 7  ? 5.803   -6.733  -6.749  1.00 126.41 ? 7   DC  A "C4'" 1 
ATOM   132 O  "O4'" . DC  A 1 7  ? 4.974   -5.631  -6.306  1.00 115.39 ? 7   DC  A "O4'" 1 
ATOM   133 C  "C3'" . DC  A 1 7  ? 6.522   -7.251  -5.497  1.00 123.39 ? 7   DC  A "C3'" 1 
ATOM   134 O  "O3'" . DC  A 1 7  ? 7.910   -6.911  -5.531  1.00 137.61 ? 7   DC  A "O3'" 1 
ATOM   135 C  "C2'" . DC  A 1 7  ? 5.788   -6.572  -4.355  1.00 108.60 ? 7   DC  A "C2'" 1 
ATOM   136 C  "C1'" . DC  A 1 7  ? 5.355   -5.280  -4.996  1.00 100.31 ? 7   DC  A "C1'" 1 
ATOM   137 N  N1    . DC  A 1 7  ? 4.210   -4.636  -4.346  1.00 91.59  ? 7   DC  A N1    1 
ATOM   138 C  C2    . DC  A 1 7  ? 4.344   -3.310  -3.921  1.00 85.54  ? 7   DC  A C2    1 
ATOM   139 O  O2    . DC  A 1 7  ? 5.416   -2.720  -4.128  1.00 87.89  ? 7   DC  A O2    1 
ATOM   140 N  N3    . DC  A 1 7  ? 3.302   -2.703  -3.306  1.00 75.52  ? 7   DC  A N3    1 
ATOM   141 C  C4    . DC  A 1 7  ? 2.166   -3.377  -3.099  1.00 79.58  ? 7   DC  A C4    1 
ATOM   142 N  N4    . DC  A 1 7  ? 1.163   -2.740  -2.489  1.00 75.68  ? 7   DC  A N4    1 
ATOM   143 C  C5    . DC  A 1 7  ? 2.004   -4.730  -3.521  1.00 83.49  ? 7   DC  A C5    1 
ATOM   144 C  C6    . DC  A 1 7  ? 3.043   -5.316  -4.132  1.00 91.15  ? 7   DC  A C6    1 
ATOM   145 P  P     . DT  A 1 8  ? 8.923   -7.487  -4.416  1.00 135.48 ? 8   DT  A P     1 
ATOM   146 O  OP1   . DT  A 1 8  ? 9.701   -8.594  -5.029  1.00 148.91 ? 8   DT  A OP1   1 
ATOM   147 O  OP2   . DT  A 1 8  ? 8.154   -7.747  -3.175  1.00 121.91 ? 8   DT  A OP2   1 
ATOM   148 O  "O5'" . DT  A 1 8  ? 9.935   -6.273  -4.199  1.00 131.71 ? 8   DT  A "O5'" 1 
ATOM   149 C  "C5'" . DT  A 1 8  ? 9.634   -4.928  -4.637  1.00 129.12 ? 8   DT  A "C5'" 1 
ATOM   150 C  "C4'" . DT  A 1 8  ? 9.999   -3.949  -3.547  1.00 118.07 ? 8   DT  A "C4'" 1 
ATOM   151 O  "O4'" . DT  A 1 8  ? 8.804   -3.405  -2.932  1.00 112.72 ? 8   DT  A "O4'" 1 
ATOM   152 C  "C3'" . DT  A 1 8  ? 10.790  -4.571  -2.402  1.00 115.07 ? 8   DT  A "C3'" 1 
ATOM   153 O  "O3'" . DT  A 1 8  ? 11.699  -3.586  -1.927  1.00 125.03 ? 8   DT  A "O3'" 1 
ATOM   154 C  "C2'" . DT  A 1 8  ? 9.715   -4.896  -1.383  1.00 105.71 ? 8   DT  A "C2'" 1 
ATOM   155 C  "C1'" . DT  A 1 8  ? 8.811   -3.688  -1.536  1.00 99.74  ? 8   DT  A "C1'" 1 
ATOM   156 N  N1    . DT  A 1 8  ? 7.399   -3.829  -1.082  1.00 89.02  ? 8   DT  A N1    1 
ATOM   157 C  C2    . DT  A 1 8  ? 6.774   -2.702  -0.592  1.00 83.80  ? 8   DT  A C2    1 
ATOM   158 O  O2    . DT  A 1 8  ? 7.327   -1.615  -0.502  1.00 84.79  ? 8   DT  A O2    1 
ATOM   159 N  N3    . DT  A 1 8  ? 5.467   -2.893  -0.211  1.00 74.74  ? 8   DT  A N3    1 
ATOM   160 C  C4    . DT  A 1 8  ? 4.741   -4.068  -0.276  1.00 76.26  ? 8   DT  A C4    1 
ATOM   161 O  O4    . DT  A 1 8  ? 3.567   -4.087  0.095   1.00 80.46  ? 8   DT  A O4    1 
ATOM   162 C  C5    . DT  A 1 8  ? 5.455   -5.205  -0.803  1.00 80.77  ? 8   DT  A C5    1 
ATOM   163 C  C7    . DT  A 1 8  ? 4.740   -6.515  -0.923  1.00 84.03  ? 8   DT  A C7    1 
ATOM   164 C  C6    . DT  A 1 8  ? 6.732   -5.033  -1.173  1.00 85.61  ? 8   DT  A C6    1 
ATOM   165 P  P     . DA  A 1 9  ? 12.988  -4.021  -1.101  1.00 131.35 ? 9   DA  A P     1 
ATOM   166 O  OP1   . DA  A 1 9  ? 14.179  -3.918  -1.995  1.00 133.04 ? 9   DA  A OP1   1 
ATOM   167 O  OP2   . DA  A 1 9  ? 12.683  -5.306  -0.411  1.00 128.52 ? 9   DA  A OP2   1 
ATOM   168 O  "O5'" . DA  A 1 9  ? 13.099  -2.861  -0.020  1.00 119.99 ? 9   DA  A "O5'" 1 
ATOM   169 C  "C5'" . DA  A 1 9  ? 13.010  -1.480  -0.403  1.00 115.59 ? 9   DA  A "C5'" 1 
ATOM   170 C  "C4'" . DA  A 1 9  ? 12.479  -0.686  0.764   1.00 107.49 ? 9   DA  A "C4'" 1 
ATOM   171 O  "O4'" . DA  A 1 9  ? 11.103  -1.054  1.000   1.00 100.83 ? 9   DA  A "O4'" 1 
ATOM   172 C  "C3'" . DA  A 1 9  ? 13.231  -0.943  2.068   1.00 106.34 ? 9   DA  A "C3'" 1 
ATOM   173 O  "O3'" . DA  A 1 9  ? 13.724  0.298   2.574   1.00 107.47 ? 9   DA  A "O3'" 1 
ATOM   174 C  "C2'" . DA  A 1 9  ? 12.232  -1.680  2.951   1.00 103.37 ? 9   DA  A "C2'" 1 
ATOM   175 C  "C1'" . DA  A 1 9  ? 10.875  -1.328  2.370   1.00 94.77  ? 9   DA  A "C1'" 1 
ATOM   176 N  N9    . DA  A 1 9  ? 9.849   -2.370  2.434   1.00 85.84  ? 9   DA  A N9    1 
ATOM   177 C  C8    . DA  A 1 9  ? 9.953   -3.699  2.101   1.00 82.90  ? 9   DA  A C8    1 
ATOM   178 N  N7    . DA  A 1 9  ? 8.824   -4.359  2.202   1.00 79.48  ? 9   DA  A N7    1 
ATOM   179 C  C5    . DA  A 1 9  ? 7.906   -3.391  2.592   1.00 74.75  ? 9   DA  A C5    1 
ATOM   180 C  C6    . DA  A 1 9  ? 6.528   -3.449  2.873   1.00 72.23  ? 9   DA  A C6    1 
ATOM   181 N  N6    . DA  A 1 9  ? 5.803   -4.567  2.798   1.00 74.30  ? 9   DA  A N6    1 
ATOM   182 N  N1    . DA  A 1 9  ? 5.918   -2.308  3.263   1.00 68.80  ? 9   DA  A N1    1 
ATOM   183 C  C2    . DA  A 1 9  ? 6.649   -1.188  3.353   1.00 70.03  ? 9   DA  A C2    1 
ATOM   184 N  N3    . DA  A 1 9  ? 7.946   -1.006  3.107   1.00 72.78  ? 9   DA  A N3    1 
ATOM   185 C  C4    . DA  A 1 9  ? 8.523   -2.159  2.729   1.00 76.61  ? 9   DA  A C4    1 
ATOM   186 P  P     . DG  A 1 10 ? 14.745  0.299   3.792   1.00 120.54 ? 10  DG  A P     1 
ATOM   187 O  OP1   . DG  A 1 10 ? 15.720  1.404   3.569   1.00 127.33 ? 10  DG  A OP1   1 
ATOM   188 O  OP2   . DG  A 1 10 ? 15.257  -1.094  3.970   1.00 115.91 ? 10  DG  A OP2   1 
ATOM   189 O  "O5'" . DG  A 1 10 ? 13.793  0.669   5.018   1.00 107.97 ? 10  DG  A "O5'" 1 
ATOM   190 C  "C5'" . DG  A 1 10 ? 12.611  1.463   4.794   1.00 100.58 ? 10  DG  A "C5'" 1 
ATOM   191 C  "C4'" . DG  A 1 10 ? 11.679  1.408   5.982   1.00 96.21  ? 10  DG  A "C4'" 1 
ATOM   192 O  "O4'" . DG  A 1 10 ? 10.689  0.366   5.787   1.00 87.77  ? 10  DG  A "O4'" 1 
ATOM   193 C  "C3'" . DG  A 1 10 ? 12.352  1.094   7.319   1.00 97.43  ? 10  DG  A "C3'" 1 
ATOM   194 O  "O3'" . DG  A 1 10 ? 11.678  1.821   8.360   1.00 100.67 ? 10  DG  A "O3'" 1 
ATOM   195 C  "C2'" . DG  A 1 10 ? 12.157  -0.404  7.433   1.00 92.17  ? 10  DG  A "C2'" 1 
ATOM   196 C  "C1'" . DG  A 1 10 ? 10.752  -0.529  6.887   1.00 82.88  ? 10  DG  A "C1'" 1 
ATOM   197 N  N9    . DG  A 1 10 ? 10.351  -1.850  6.423   1.00 75.78  ? 10  DG  A N9    1 
ATOM   198 C  C8    . DG  A 1 10 ? 11.131  -2.861  5.909   1.00 76.80  ? 10  DG  A C8    1 
ATOM   199 N  N7    . DG  A 1 10 ? 10.442  -3.922  5.582   1.00 78.29  ? 10  DG  A N7    1 
ATOM   200 C  C5    . DG  A 1 10 ? 9.133   -3.597  5.922   1.00 73.35  ? 10  DG  A C5    1 
ATOM   201 C  C6    . DG  A 1 10 ? 7.932   -4.360  5.821   1.00 74.32  ? 10  DG  A C6    1 
ATOM   202 O  O6    . DG  A 1 10 ? 7.783   -5.522  5.415   1.00 79.47  ? 10  DG  A O6    1 
ATOM   203 N  N1    . DG  A 1 10 ? 6.831   -3.637  6.267   1.00 68.50  ? 10  DG  A N1    1 
ATOM   204 C  C2    . DG  A 1 10 ? 6.875   -2.355  6.765   1.00 69.30  ? 10  DG  A C2    1 
ATOM   205 N  N2    . DG  A 1 10 ? 5.704   -1.825  7.150   1.00 68.50  ? 10  DG  A N2    1 
ATOM   206 N  N3    . DG  A 1 10 ? 7.984   -1.645  6.882   1.00 69.66  ? 10  DG  A N3    1 
ATOM   207 C  C4    . DG  A 1 10 ? 9.066   -2.323  6.444   1.00 71.51  ? 10  DG  A C4    1 
ATOM   208 P  P     . DG  A 1 11 ? 12.216  1.796   9.891   1.00 110.14 ? 11  DG  A P     1 
ATOM   209 O  OP1   . DG  A 1 11 ? 11.935  3.116   10.510  1.00 118.64 ? 11  DG  A OP1   1 
ATOM   210 O  OP2   . DG  A 1 11 ? 13.597  1.239   9.914   1.00 118.45 ? 11  DG  A OP2   1 
ATOM   211 O  "O5'" . DG  A 1 11 ? 11.212  0.788   10.599  1.00 101.22 ? 11  DG  A "O5'" 1 
ATOM   212 C  "C5'" . DG  A 1 11 ? 9.794   0.998   10.514  1.00 92.62  ? 11  DG  A "C5'" 1 
ATOM   213 C  "C4'" . DG  A 1 11 ? 9.083   -0.175  11.141  1.00 85.36  ? 11  DG  A "C4'" 1 
ATOM   214 O  "O4'" . DG  A 1 11 ? 9.393   -1.374  10.392  1.00 79.01  ? 11  DG  A "O4'" 1 
ATOM   215 C  "C3'" . DG  A 1 11 ? 9.535   -0.456  12.572  1.00 85.98  ? 11  DG  A "C3'" 1 
ATOM   216 O  "O3'" . DG  A 1 11 ? 8.450   -0.965  13.345  1.00 83.88  ? 11  DG  A "O3'" 1 
ATOM   217 C  "C2'" . DG  A 1 11 ? 10.615  -1.502  12.391  1.00 84.83  ? 11  DG  A "C2'" 1 
ATOM   218 C  "C1'" . DG  A 1 11 ? 10.082  -2.292  11.219  1.00 78.14  ? 11  DG  A "C1'" 1 
ATOM   219 N  N9    . DG  A 1 11 ? 11.086  -2.950  10.401  1.00 78.44  ? 11  DG  A N9    1 
ATOM   220 C  C8    . DG  A 1 11 ? 12.421  -2.653  10.280  1.00 79.54  ? 11  DG  A C8    1 
ATOM   221 N  N7    . DG  A 1 11 ? 13.045  -3.439  9.444   1.00 85.57  ? 11  DG  A N7    1 
ATOM   222 C  C5    . DG  A 1 11 ? 12.062  -4.309  8.994   1.00 83.68  ? 11  DG  A C5    1 
ATOM   223 C  C6    . DG  A 1 11 ? 12.137  -5.389  8.073   1.00 83.36  ? 11  DG  A C6    1 
ATOM   224 O  O6    . DG  A 1 11 ? 13.125  -5.814  7.461   1.00 87.46  ? 11  DG  A O6    1 
ATOM   225 N  N1    . DG  A 1 11 ? 10.902  -6.007  7.910   1.00 81.74  ? 11  DG  A N1    1 
ATOM   226 C  C2    . DG  A 1 11 ? 9.742   -5.640  8.552   1.00 77.11  ? 11  DG  A C2    1 
ATOM   227 N  N2    . DG  A 1 11 ? 8.648   -6.360  8.268   1.00 74.91  ? 11  DG  A N2    1 
ATOM   228 N  N3    . DG  A 1 11 ? 9.657   -4.628  9.398   1.00 76.45  ? 11  DG  A N3    1 
ATOM   229 C  C4    . DG  A 1 11 ? 10.846  -4.016  9.574   1.00 79.23  ? 11  DG  A C4    1 
ATOM   230 P  P     . DA  A 1 12 ? 8.256   -0.506  14.837  1.00 89.76  ? 12  DA  A P     1 
ATOM   231 O  OP1   . DA  A 1 12 ? 8.399   0.966   14.885  1.00 95.19  ? 12  DA  A OP1   1 
ATOM   232 O  OP2   . DA  A 1 12 ? 9.126   -1.351  15.717  1.00 91.62  ? 12  DA  A OP2   1 
ATOM   233 O  "O5'" . DA  A 1 12 ? 6.719   -0.858  15.074  1.00 89.31  ? 12  DA  A "O5'" 1 
ATOM   234 C  "C5'" . DA  A 1 12 ? 5.683   -0.218  14.307  1.00 83.43  ? 12  DA  A "C5'" 1 
ATOM   235 C  "C4'" . DA  A 1 12 ? 4.549   -1.183  14.055  1.00 81.61  ? 12  DA  A "C4'" 1 
ATOM   236 O  "O4'" . DA  A 1 12 ? 5.024   -2.286  13.245  1.00 79.10  ? 12  DA  A "O4'" 1 
ATOM   237 C  "C3'" . DA  A 1 12 ? 3.949   -1.811  15.317  1.00 90.80  ? 12  DA  A "C3'" 1 
ATOM   238 O  "O3'" . DA  A 1 12 ? 2.512   -1.833  15.232  1.00 108.57 ? 12  DA  A "O3'" 1 
ATOM   239 C  "C2'" . DA  A 1 12 ? 4.519   -3.219  15.317  1.00 87.02  ? 12  DA  A "C2'" 1 
ATOM   240 C  "C1'" . DA  A 1 12 ? 4.605   -3.505  13.838  1.00 78.69  ? 12  DA  A "C1'" 1 
ATOM   241 N  N9    . DA  A 1 12 ? 5.542   -4.551  13.435  1.00 74.52  ? 12  DA  A N9    1 
ATOM   242 C  C8    . DA  A 1 12 ? 6.851   -4.429  13.038  1.00 72.19  ? 12  DA  A C8    1 
ATOM   243 N  N7    . DA  A 1 12 ? 7.412   -5.570  12.709  1.00 74.38  ? 12  DA  A N7    1 
ATOM   244 C  C5    . DA  A 1 12 ? 6.400   -6.503  12.887  1.00 74.20  ? 12  DA  A C5    1 
ATOM   245 C  C6    . DA  A 1 12 ? 6.351   -7.896  12.691  1.00 77.10  ? 12  DA  A C6    1 
ATOM   246 N  N6    . DA  A 1 12 ? 7.386   -8.624  12.273  1.00 79.55  ? 12  DA  A N6    1 
ATOM   247 N  N1    . DA  A 1 12 ? 5.193   -8.530  12.982  1.00 81.78  ? 12  DA  A N1    1 
ATOM   248 C  C2    . DA  A 1 12 ? 4.153   -7.801  13.412  1.00 80.76  ? 12  DA  A C2    1 
ATOM   249 N  N3    . DA  A 1 12 ? 4.074   -6.487  13.624  1.00 77.05  ? 12  DA  A N3    1 
ATOM   250 C  C4    . DA  A 1 12 ? 5.244   -5.890  13.335  1.00 75.84  ? 12  DA  A C4    1 
ATOM   251 P  P     . DG  A 1 13 ? 1.560   -1.415  16.490  1.00 118.09 ? 13  DG  A P     1 
ATOM   252 O  OP1   . DG  A 1 13 ? 1.740   -2.418  17.588  1.00 114.94 ? 13  DG  A OP1   1 
ATOM   253 O  OP2   . DG  A 1 13 ? 0.202   -1.146  15.934  1.00 106.33 ? 13  DG  A OP2   1 
ATOM   254 O  "O5'" . DG  A 1 13 ? 2.190   -0.046  17.011  1.00 117.82 ? 13  DG  A "O5'" 1 
HETATM 255 MG MG    . MG  B 2 .  ? -16.177 2.617   -6.847  1.00 91.79  ? 101 MG  A MG    1 
HETATM 256 O  O     . HOH C 3 .  ? 4.978   -1.083  10.830  1.00 73.67  ? 201 HOH A O     1 
HETATM 257 O  O     . HOH C 3 .  ? -15.049 1.097   -6.659  1.00 92.38  ? 202 HOH A O     1 
HETATM 258 O  O     . HOH C 3 .  ? -17.713 3.890   -5.693  1.00 98.52  ? 203 HOH A O     1 
# 
loop_
_atom_site_anisotrop.id 
_atom_site_anisotrop.type_symbol 
_atom_site_anisotrop.pdbx_label_atom_id 
_atom_site_anisotrop.pdbx_label_alt_id 
_atom_site_anisotrop.pdbx_label_comp_id 
_atom_site_anisotrop.pdbx_label_asym_id 
_atom_site_anisotrop.pdbx_label_seq_id 
_atom_site_anisotrop.pdbx_PDB_ins_code 
_atom_site_anisotrop.U[1][1] 
_atom_site_anisotrop.U[2][2] 
_atom_site_anisotrop.U[3][3] 
_atom_site_anisotrop.U[1][2] 
_atom_site_anisotrop.U[1][3] 
_atom_site_anisotrop.U[2][3] 
_atom_site_anisotrop.pdbx_auth_seq_id 
_atom_site_anisotrop.pdbx_auth_comp_id 
_atom_site_anisotrop.pdbx_auth_asym_id 
_atom_site_anisotrop.pdbx_auth_atom_id 
1   O "O5'" . DG A 1  ? 1.2176 1.3674 1.4441 0.1601  0.0345  0.0811  1  DG A "O5'" 
2   C "C5'" . DG A 1  ? 1.1801 1.2930 1.3768 0.1835  0.0312  0.1108  1  DG A "C5'" 
3   C "C4'" . DG A 1  ? 1.1028 1.2017 1.2926 0.1575  0.0370  0.1281  1  DG A "C4'" 
4   O "O4'" . DG A 1  ? 1.0692 1.0980 1.2591 0.1298  0.0459  0.1495  1  DG A "O4'" 
5   C "C3'" . DG A 1  ? 1.0565 1.2067 1.2631 0.1354  0.0314  0.1015  1  DG A "C3'" 
6   O "O3'" . DG A 1  ? 1.1013 1.2739 1.2836 0.1534  0.0273  0.1145  1  DG A "O3'" 
7   C "C2'" . DG A 1  ? 0.9741 1.0803 1.1922 0.0922  0.0428  0.1014  1  DG A "C2'" 
8   C "C1'" . DG A 1  ? 0.9734 1.0132 1.1711 0.0938  0.0506  0.1358  1  DG A "C1'" 
9   N N9    . DG A 1  ? 0.9040 0.8959 1.1107 0.0688  0.0550  0.1293  1  DG A N9    
10  C C8    . DG A 1  ? 0.9059 0.8616 1.1142 0.0417  0.0598  0.1409  1  DG A C8    
11  N N7    . DG A 1  ? 0.8929 0.8208 1.1068 0.0317  0.0580  0.1229  1  DG A N7    
12  C C5    . DG A 1  ? 0.8585 0.8094 1.0715 0.0560  0.0546  0.1015  1  DG A C5    
13  C C6    . DG A 1  ? 0.8679 0.8217 1.0776 0.0710  0.0517  0.0755  1  DG A C6    
14  O O6    . DG A 1  ? 0.8560 0.7886 1.0612 0.0666  0.0481  0.0611  1  DG A O6    
15  N N1    . DG A 1  ? 0.8799 0.8794 1.0896 0.1017  0.0517  0.0639  1  DG A N1    
16  C C2    . DG A 1  ? 0.9348 0.9692 1.1515 0.1130  0.0512  0.0724  1  DG A C2    
17  N N2    . DG A 1  ? 1.0569 1.1440 1.2783 0.1442  0.0505  0.0585  1  DG A N2    
18  N N3    . DG A 1  ? 0.9184 0.9497 1.1352 0.1023  0.0501  0.0911  1  DG A N3    
19  C C4    . DG A 1  ? 0.8924 0.8823 1.1051 0.0754  0.0533  0.1063  1  DG A C4    
20  P P     . DG A 2  ? 1.1216 1.3379 1.3173 0.1430  0.0110  0.0785  2  DG A P     
21  O OP1   . DG A 2  ? 1.1493 1.4073 1.3032 0.1875  0.0051  0.0917  2  DG A OP1   
22  O OP2   . DG A 2  ? 1.1152 1.3732 1.3634 0.1320  -0.0077 0.0345  2  DG A OP2   
23  O "O5'" . DG A 2  ? 1.0456 1.2079 1.2505 0.0954  0.0248  0.0860  2  DG A "O5'" 
24  C "C5'" . DG A 2  ? 0.8946 1.0251 1.0714 0.0907  0.0396  0.1213  2  DG A "C5'" 
25  C "C4'" . DG A 2  ? 0.8439 0.9407 1.0350 0.0498  0.0455  0.1127  2  DG A "C4'" 
26  O "O4'" . DG A 2  ? 0.8110 0.8679 1.0193 0.0248  0.0557  0.1142  2  DG A "O4'" 
27  C "C3'" . DG A 2  ? 0.8253 0.9453 1.0432 0.0385  0.0280  0.0726  2  DG A "C3'" 
28  O "O3'" . DG A 2  ? 0.8411 0.9417 1.0484 0.0243  0.0313  0.0754  2  DG A "O3'" 
29  C "C2'" . DG A 2  ? 0.7762 0.8846 1.0362 0.0098  0.0336  0.0644  2  DG A "C2'" 
30  C "C1'" . DG A 2  ? 0.7678 0.8328 1.0052 0.0004  0.0545  0.0918  2  DG A "C1'" 
31  N N9    . DG A 2  ? 0.7573 0.8247 1.0114 -0.0021 0.0625  0.0897  2  DG A N9    
32  C C8    . DG A 2  ? 0.7515 0.8621 1.0321 0.0101  0.0579  0.0781  2  DG A C8    
33  N N7    . DG A 2  ? 0.7855 0.9027 1.0708 0.0140  0.0695  0.0812  2  DG A N7    
34  C C5    . DG A 2  ? 0.7141 0.7855 0.9733 0.0051  0.0778  0.0892  2  DG A C5    
35  C C6    . DG A 2  ? 0.7636 0.8288 1.0096 0.0151  0.0859  0.0864  2  DG A C6    
36  O O6    . DG A 2  ? 0.8374 0.9414 1.0874 0.0380  0.0912  0.0805  2  DG A O6    
37  N N1    . DG A 2  ? 0.7681 0.7883 0.9938 0.0036  0.0853  0.0877  2  DG A N1    
38  C C2    . DG A 2  ? 0.7412 0.7316 0.9624 -0.0174 0.0824  0.0978  2  DG A C2    
39  N N2    . DG A 2  ? 0.7470 0.7064 0.9567 -0.0267 0.0813  0.0975  2  DG A N2    
40  N N3    . DG A 2  ? 0.6796 0.6814 0.9069 -0.0219 0.0782  0.1039  2  DG A N3    
41  C C4    . DG A 2  ? 0.7095 0.7491 0.9541 -0.0089 0.0741  0.0961  2  DG A C4    
42  P P     . DA A 3  ? 0.8498 0.9827 1.0507 0.0473  0.0065  0.0433  3  DA A P     
43  O OP1   . DA A 3  ? 0.8449 1.0372 1.0279 0.0961  -0.0126 0.0270  3  DA A OP1   
44  O OP2   . DA A 3  ? 0.9754 1.0841 1.2270 0.0174  -0.0084 0.0132  3  DA A OP2   
45  O "O5'" . DA A 3  ? 0.8939 1.0222 1.0541 0.0524  0.0241  0.0754  3  DA A "O5'" 
46  C "C5'" . DA A 3  ? 0.9119 1.0168 1.0625 0.0374  0.0511  0.1236  3  DA A "C5'" 
47  C "C4'" . DA A 3  ? 0.9022 1.0043 1.0405 0.0278  0.0628  0.1441  3  DA A "C4'" 
48  O "O4'" . DA A 3  ? 0.8632 0.9138 1.0218 -0.0122 0.0714  0.1440  3  DA A "O4'" 
49  C "C3'" . DA A 3  ? 0.9438 1.0724 1.0660 0.0475  0.0467  0.1130  3  DA A "C3'" 
50  O "O3'" . DA A 3  ? 1.1099 1.2626 1.2129 0.0534  0.0612  0.1425  3  DA A "O3'" 
51  C "C2'" . DA A 3  ? 0.8891 0.9653 1.0425 0.0120  0.0395  0.0851  3  DA A "C2'" 
52  C "C1'" . DA A 3  ? 0.8293 0.8696 0.9917 -0.0213 0.0627  0.1159  3  DA A "C1'" 
53  N N9    . DA A 3  ? 0.7441 0.7518 0.9330 -0.0465 0.0659  0.1061  3  DA A N9    
54  C C8    . DA A 3  ? 0.7668 0.7783 0.9794 -0.0478 0.0619  0.0962  3  DA A C8    
55  N N7    . DA A 3  ? 0.7567 0.7547 0.9894 -0.0657 0.0720  0.0991  3  DA A N7    
56  C C5    . DA A 3  ? 0.7902 0.7697 1.0066 -0.0752 0.0811  0.1085  3  DA A C5    
57  C C6    . DA A 3  ? 0.8455 0.8168 1.0628 -0.0843 0.0940  0.1166  3  DA A C6    
58  N N6    . DA A 3  ? 0.9430 0.9297 1.1798 -0.0849 0.1042  0.1226  3  DA A N6    
59  N N1    . DA A 3  ? 0.7947 0.7562 0.9909 -0.0861 0.0972  0.1209  3  DA A N1    
60  C C2    . DA A 3  ? 0.8182 0.7812 0.9995 -0.0824 0.0903  0.1208  3  DA A C2    
61  N N3    . DA A 3  ? 0.8261 0.8042 1.0035 -0.0710 0.0819  0.1197  3  DA A N3    
62  C C4    . DA A 3  ? 0.7845 0.7678 0.9774 -0.0665 0.0766  0.1116  3  DA A C4    
63  P P     . DT A 4  ? 1.0673 1.3085 1.1359 0.1048  0.0707  0.1784  4  DT A P     
64  O OP1   . DT A 4  ? 1.0445 1.3030 1.1185 0.0907  0.0908  0.2162  4  DT A OP1   
65  O OP2   . DT A 4  ? 1.0562 1.3184 1.1261 0.1208  0.0809  0.2143  4  DT A OP2   
66  O "O5'" . DT A 4  ? 1.0666 1.3518 1.1024 0.1578  0.0382  0.1196  4  DT A "O5'" 
67  C "C5'" . DT A 4  ? 1.1039 1.4432 1.1172 0.2114  0.0165  0.0928  4  DT A "C5'" 
68  C "C4'" . DT A 4  ? 1.1107 1.5060 1.0892 0.2744  -0.0184 0.0358  4  DT A "C4'" 
69  O "O4'" . DT A 4  ? 1.1278 1.6292 1.0550 0.3349  0.0018  0.0797  4  DT A "O4'" 
70  C "C3'" . DT A 4  ? 1.1186 1.4607 1.1122 0.2553  -0.0379 -0.0065 4  DT A "C3'" 
71  O "O3'" . DT A 4  ? 1.2696 1.6233 1.2587 0.3044  -0.0914 -0.0886 4  DT A "O3'" 
72  C "C2'" . DT A 4  ? 1.0935 1.4907 1.0521 0.2735  -0.0082 0.0416  4  DT A "C2'" 
73  C "C1'" . DT A 4  ? 1.0509 1.5650 0.9639 0.3414  0.0046  0.0770  4  DT A "C1'" 
74  N N1    . DT A 4  ? 0.9623 1.5306 0.8755 0.3315  0.0541  0.1690  4  DT A N1    
75  C C2    . DT A 4  ? 0.9842 1.6552 0.8602 0.3865  0.0649  0.1902  4  DT A C2    
76  O O2    . DT A 4  ? 0.9769 1.6952 0.8076 0.4523  0.0325  0.1293  4  DT A O2    
77  N N3    . DT A 4  ? 0.9739 1.6955 0.8757 0.3647  0.1121  0.2851  4  DT A N3    
78  C C4    . DT A 4  ? 0.9292 1.5957 0.8930 0.2950  0.1414  0.3504  4  DT A C4    
79  O O4    . DT A 4  ? 0.9975 1.7156 0.9999 0.2781  0.1768  0.4324  4  DT A O4    
80  C C5    . DT A 4  ? 0.8916 1.4452 0.8785 0.2487  0.1237  0.3133  4  DT A C5    
81  C C7    . DT A 4  ? 0.9151 1.4008 0.9643 0.1836  0.1450  0.3670  4  DT A C7    
82  C C6    . DT A 4  ? 0.9097 1.4271 0.8698 0.2683  0.0851  0.2299  4  DT A C6    
83  P P     . DA A 5  ? 1.2881 1.5416 1.3372 0.2663  -0.1286 -0.1472 5  DA A P     
84  O OP1   . DA A 5  ? 1.2917 1.5143 1.4017 0.2478  -0.1616 -0.1899 5  DA A OP1   
85  O OP2   . DA A 5  ? 1.2313 1.4225 1.2961 0.2058  -0.0917 -0.0986 5  DA A OP2   
86  O "O5'" . DA A 5  ? 1.2903 1.5786 1.3060 0.3403  -0.1742 -0.2126 5  DA A "O5'" 
87  C "C5'" . DA A 5  ? 1.3468 1.7466 1.2821 0.4173  -0.1632 -0.1988 5  DA A "C5'" 
88  C "C4'" . DA A 5  ? 1.4191 1.8180 1.3305 0.4592  -0.1888 -0.2396 5  DA A "C4'" 
89  O "O4'" . DA A 5  ? 1.3472 1.8091 1.2132 0.4648  -0.1373 -0.1680 5  DA A "O4'" 
90  C "C3'" . DA A 5  ? 1.4285 1.6992 1.4035 0.4056  -0.2126 -0.2709 5  DA A "C3'" 
91  O "O3'" . DA A 5  ? 1.5921 1.8752 1.5420 0.4801  -0.2647 -0.3445 5  DA A "O3'" 
92  C "C2'" . DA A 5  ? 1.3491 1.5958 1.3224 0.3428  -0.1510 -0.1870 5  DA A "C2'" 
93  C "C1'" . DA A 5  ? 1.3081 1.6799 1.2121 0.3904  -0.1135 -0.1362 5  DA A "C1'" 
94  N N9    . DA A 5  ? 1.1598 1.5503 1.0721 0.3364  -0.0546 -0.0477 5  DA A N9    
95  C C8    . DA A 5  ? 1.0916 1.4153 1.0496 0.2629  -0.0322 -0.0136 5  DA A C8    
96  N N7    . DA A 5  ? 0.9734 1.3304 0.9340 0.2353  0.0117  0.0578  5  DA A N7    
97  C C5    . DA A 5  ? 0.9574 1.4172 0.8787 0.2881  0.0243  0.0826  5  DA A C5    
98  C C6    . DA A 5  ? 0.9216 1.4632 0.8463 0.2858  0.0664  0.1610  5  DA A C6    
99  N N6    . DA A 5  ? 0.9301 1.4445 0.9031 0.2247  0.0972  0.2215  5  DA A N6    
100 N N1    . DA A 5  ? 0.9497 1.6060 0.8352 0.3504  0.0732  0.1754  5  DA A N1    
101 C C2    . DA A 5  ? 1.0463 1.7263 0.8819 0.4206  0.0343  0.1035  5  DA A C2    
102 N N3    . DA A 5  ? 1.0609 1.6567 0.8934 0.4296  -0.0148 0.0178  5  DA A N3    
103 C C4    . DA A 5  ? 1.0445 1.5328 0.9270 0.3562  -0.0147 0.0172  5  DA A C4    
104 P P     . DG A 6  ? 1.6269 1.7933 1.6260 0.4584  -0.2971 -0.3807 6  DG A P     
105 O OP1   . DG A 6  ? 1.6192 1.7731 1.6317 0.5326  -0.3816 -0.4910 6  DG A OP1   
106 O OP2   . DG A 6  ? 1.6138 1.6743 1.6924 0.3565  -0.2706 -0.3332 6  DG A OP2   
107 O "O5'" . DG A 6  ? 1.4879 1.7065 1.4191 0.4801  -0.2547 -0.3310 6  DG A "O5'" 
108 C "C5'" . DG A 6  ? 1.5059 1.8691 1.3504 0.5620  -0.2395 -0.3207 6  DG A "C5'" 
109 C "C4'" . DG A 6  ? 1.4444 1.8416 1.2577 0.5536  -0.1936 -0.2606 6  DG A "C4'" 
110 O "O4'" . DG A 6  ? 1.3683 1.7999 1.1914 0.4882  -0.1268 -0.1655 6  DG A "O4'" 
111 C "C3'" . DG A 6  ? 1.4462 1.7186 1.3020 0.5077  -0.2042 -0.2698 6  DG A "C3'" 
112 O "O3'" . DG A 6  ? 1.6021 1.9361 1.4082 0.5520  -0.1905 -0.2564 6  DG A "O3'" 
113 C "C2'" . DG A 6  ? 1.3479 1.5665 1.2495 0.4063  -0.1529 -0.1955 6  DG A "C2'" 
114 C "C1'" . DG A 6  ? 1.2579 1.6020 1.1195 0.4144  -0.1034 -0.1312 6  DG A "C1'" 
115 N N9    . DG A 6  ? 1.0970 1.4231 0.9940 0.3376  -0.0601 -0.0670 6  DG A N9    
116 C C8    . DG A 6  ? 1.0234 1.2615 0.9701 0.2778  -0.0623 -0.0682 6  DG A C8    
117 N N7    . DG A 6  ? 0.9877 1.2324 0.9518 0.2259  -0.0220 -0.0095 6  DG A N7    
118 C C5    . DG A 6  ? 0.9814 1.3169 0.9192 0.2439  0.0077  0.0363  6  DG A C5    
119 C C6    . DG A 6  ? 0.9070 1.2818 0.8664 0.2043  0.0490  0.1054  6  DG A C6    
120 O O6    . DG A 6  ? 0.8355 1.1652 0.8317 0.1501  0.0649  0.1329  6  DG A O6    
121 N N1    . DG A 6  ? 0.8095 1.2895 0.7523 0.2365  0.0685  0.1421  6  DG A N1    
122 C C2    . DG A 6  ? 0.8880 1.4355 0.7840 0.3070  0.0525  0.1133  6  DG A C2    
123 N N2    . DG A 6  ? 0.9019 1.5670 0.7929 0.3316  0.0799  0.1633  6  DG A N2    
124 N N3    . DG A 6  ? 0.9782 1.4835 0.8432 0.3520  0.0098  0.0398  6  DG A N3    
125 C C4    . DG A 6  ? 1.0060 1.4012 0.9007 0.3130  -0.0115 0.0059  6  DG A C4    
126 P P     . DC A 7  ? 1.7188 1.9510 1.5448 0.5407  -0.2076 -0.2729 7  DC A P     
127 O OP1   . DC A 7  ? 1.9184 2.1373 1.7218 0.6319  -0.2753 -0.3644 7  DC A OP1   
128 O OP2   . DC A 7  ? 1.6690 1.7740 1.5678 0.4461  -0.1944 -0.2423 7  DC A OP2   
129 O "O5'" . DC A 7  ? 1.6798 2.0095 1.4640 0.5436  -0.1547 -0.2076 7  DC A "O5'" 
130 C "C5'" . DC A 7  ? 1.6127 2.1079 1.3389 0.6086  -0.1333 -0.1864 7  DC A "C5'" 
131 C "C4'" . DC A 7  ? 1.5003 2.0629 1.2401 0.5545  -0.0708 -0.0973 7  DC A "C4'" 
132 O "O4'" . DC A 7  ? 1.3580 1.8802 1.1462 0.4699  -0.0407 -0.0492 7  DC A "O4'" 
133 C "C3'" . DC A 7  ? 1.4785 1.9767 1.2331 0.5231  -0.0652 -0.0884 7  DC A "C3'" 
134 O "O3'" . DC A 7  ? 1.6221 2.2492 1.3574 0.5471  -0.0338 -0.0458 7  DC A "O3'" 
135 C "C2'" . DC A 7  ? 1.3040 1.7069 1.1155 0.4231  -0.0410 -0.0497 7  DC A "C2'" 
136 C "C1'" . DC A 7  ? 1.1711 1.6440 0.9964 0.3987  -0.0129 -0.0077 7  DC A "C1'" 
137 N N1    . DC A 7  ? 1.0753 1.4578 0.9470 0.3235  -0.0035 0.0084  7  DC A N1    
138 C C2    . DC A 7  ? 0.9765 1.3907 0.8828 0.2658  0.0354  0.0693  7  DC A C2    
139 O O2    . DC A 7  ? 0.9710 1.4874 0.8810 0.2727  0.0607  0.1125  7  DC A O2    
140 N N3    . DC A 7  ? 0.8633 1.1997 0.8063 0.2063  0.0416  0.0791  7  DC A N3    
141 C C4    . DC A 7  ? 0.9436 1.1854 0.8947 0.1987  0.0164  0.0394  7  DC A C4    
142 N N4    . DC A 7  ? 0.9018 1.0854 0.8882 0.1453  0.0261  0.0535  7  DC A N4    
143 C C5    . DC A 7  ? 1.0114 1.2167 0.9442 0.2472  -0.0234 -0.0172 7  DC A C5    
144 C C6    . DC A 7  ? 1.1005 1.3718 0.9913 0.3105  -0.0347 -0.0353 7  DC A C6    
145 P P     . DT A 8  ? 1.6032 2.2055 1.3389 0.5402  -0.0303 -0.0410 8  DT A P     
146 O OP1   . DT A 8  ? 1.7758 2.4275 1.4545 0.6404  -0.0620 -0.0907 8  DT A OP1   
147 O OP2   . DT A 8  ? 1.4708 1.9176 1.2436 0.4732  -0.0373 -0.0457 8  DT A OP2   
148 O "O5'" . DT A 8  ? 1.5008 2.2353 1.2681 0.5027  0.0207  0.0360  8  DT A "O5'" 
149 C "C5'" . DT A 8  ? 1.4330 2.2315 1.2413 0.4578  0.0540  0.0933  8  DT A "C5'" 
150 C "C4'" . DT A 8  ? 1.2726 2.0649 1.1484 0.3734  0.0824  0.1439  8  DT A "C4'" 
151 O "O4'" . DT A 8  ? 1.2345 1.9060 1.1426 0.3050  0.0812  0.1428  8  DT A "O4'" 
152 C "C3'" . DT A 8  ? 1.2447 2.0092 1.1181 0.3698  0.0743  0.1269  8  DT A "C3'" 
153 O "O3'" . DT A 8  ? 1.3204 2.1730 1.2570 0.3248  0.1003  0.1774  8  DT A "O3'" 
154 C "C2'" . DT A 8  ? 1.1797 1.7813 1.0555 0.3267  0.0578  0.0975  8  DT A "C2'" 
155 C "C1'" . DT A 8  ? 1.0957 1.6776 1.0165 0.2668  0.0742  0.1273  8  DT A "C1'" 
156 N N1    . DT A 8  ? 1.0034 1.4521 0.9268 0.2337  0.0614  0.1040  8  DT A N1    
157 C C2    . DT A 8  ? 0.9322 1.3507 0.9012 0.1707  0.0764  0.1299  8  DT A C2    
158 O O2    . DT A 8  ? 0.9089 1.3904 0.9222 0.1386  0.0947  0.1670  8  DT A O2    
159 N N3    . DT A 8  ? 0.8522 1.1649 0.8227 0.1477  0.0664  0.1103  8  DT A N3    
160 C C4    . DT A 8  ? 0.9052 1.1389 0.8532 0.1725  0.0428  0.0735  8  DT A C4    
161 O O4    . DT A 8  ? 0.9779 1.1330 0.9461 0.1432  0.0384  0.0673  8  DT A O4    
162 C C5    . DT A 8  ? 0.9679 1.2229 0.8780 0.2347  0.0222  0.0444  8  DT A C5    
163 C C7    . DT A 8  ? 1.0428 1.2029 0.9469 0.2626  -0.0130 -0.0002 8  DT A C7    
164 C C6    . DT A 8  ? 0.9996 1.3613 0.8917 0.2661  0.0327  0.0586  8  DT A C6    
165 P P     . DA A 9  ? 1.3807 2.2893 1.3208 0.3398  0.0978  0.1726  9  DA A P     
166 O OP1   . DA A 9  ? 1.3399 2.4258 1.2891 0.3863  0.1152  0.2071  9  DA A OP1   
167 O OP2   . DA A 9  ? 1.4042 2.1966 1.2824 0.3733  0.0702  0.1185  9  DA A OP2   
168 O "O5'" . DA A 9  ? 1.2130 2.1093 1.2369 0.2553  0.1074  0.1993  9  DA A "O5'" 
169 C "C5'" . DA A 9  ? 1.1128 2.0587 1.2203 0.1992  0.1269  0.2504  9  DA A "C5'" 
170 C "C4'" . DA A 9  ? 1.0240 1.8772 1.1828 0.1295  0.1171  0.2401  9  DA A "C4'" 
171 O "O4'" . DA A 9  ? 1.0035 1.7188 1.1088 0.1267  0.1072  0.2077  9  DA A "O4'" 
172 C "C3'" . DA A 9  ? 1.0056 1.8620 1.1730 0.1255  0.1006  0.2109  9  DA A "C3'" 
173 O "O3'" . DA A 9  ? 0.9690 1.8707 1.2434 0.0664  0.0965  0.2295  9  DA A "O3'" 
174 C "C2'" . DA A 9  ? 1.0372 1.7557 1.1347 0.1354  0.0861  0.1671  9  DA A "C2'" 
175 C "C1'" . DA A 9  ? 0.9581 1.5936 1.0492 0.1130  0.0919  0.1736  9  DA A "C1'" 
176 N N9    . DA A 9  ? 0.9037 1.4324 0.9253 0.1403  0.0838  0.1453  9  DA A N9    
177 C C8    . DA A 9  ? 0.8934 1.4025 0.8540 0.1972  0.0740  0.1234  9  DA A C8    
178 N N7    . DA A 9  ? 0.8955 1.2957 0.8288 0.2010  0.0640  0.1042  9  DA A N7    
179 C C5    . DA A 9  ? 0.8379 1.1950 0.8071 0.1467  0.0722  0.1159  9  DA A C5    
180 C C6    . DA A 9  ? 0.8376 1.0985 0.8084 0.1239  0.0701  0.1098  9  DA A C6    
181 N N6    . DA A 9  ? 0.8969 1.0803 0.8460 0.1455  0.0575  0.0932  9  DA A N6    
182 N N1    . DA A 9  ? 0.7863 1.0349 0.7929 0.0781  0.0786  0.1215  9  DA A N1    
183 C C2    . DA A 9  ? 0.7662 1.0811 0.8135 0.0533  0.0839  0.1359  9  DA A C2    
184 N N3    . DA A 9  ? 0.7644 1.1703 0.8306 0.0627  0.0856  0.1471  9  DA A N3    
185 C C4    . DA A 9  ? 0.8205 1.2497 0.8406 0.1119  0.0822  0.1376  9  DA A C4    
186 P P     . DG A 10 ? 1.1067 2.0566 1.4166 0.0623  0.0747  0.2003  10 DG A P     
187 O OP1   . DG A 10 ? 1.1096 2.1747 1.5538 0.0161  0.0745  0.2378  10 DG A OP1   
188 O OP2   . DG A 10 ? 1.0726 2.0416 1.2897 0.1317  0.0730  0.1758  10 DG A OP2   
189 O "O5'" . DG A 10 ? 0.9913 1.8204 1.2907 0.0352  0.0531  0.1575  10 DG A "O5'" 
190 C "C5'" . DG A 10 ? 0.9200 1.6620 1.2394 -0.0044 0.0560  0.1658  10 DG A "C5'" 
191 C "C4'" . DG A 10 ? 0.9136 1.5539 1.1880 -0.0032 0.0397  0.1220  10 DG A "C4'" 
192 O "O4'" . DG A 10 ? 0.8657 1.4250 1.0441 0.0299  0.0544  0.1201  10 DG A "O4'" 
193 C "C3'" . DG A 10 ? 0.9245 1.5939 1.1837 0.0221  0.0169  0.0805  10 DG A "C3'" 
194 O "O3'" . DG A 10 ? 0.9790 1.5943 1.2519 0.0066  -0.0050 0.0448  10 DG A "O3'" 
195 C "C2'" . DG A 10 ? 0.9053 1.5413 1.0556 0.0795  0.0311  0.0791  10 DG A "C2'" 
196 C "C1'" . DG A 10 ? 0.8324 1.3685 0.9483 0.0687  0.0469  0.0931  10 DG A "C1'" 
197 N N9    . DG A 10 ? 0.7831 1.2714 0.8249 0.1087  0.0594  0.1012  10 DG A N9    
198 C C8    . DG A 10 ? 0.7952 1.3223 0.8006 0.1533  0.0614  0.1042  10 DG A C8    
199 N N7    . DG A 10 ? 0.8569 1.3081 0.8096 0.1823  0.0636  0.1028  10 DG A N7    
200 C C5    . DG A 10 ? 0.8209 1.1872 0.7790 0.1510  0.0675  0.1048  10 DG A C5    
201 C C6    . DG A 10 ? 0.8741 1.1417 0.8080 0.1563  0.0691  0.1071  10 DG A C6    
202 O O6    . DG A 10 ? 0.9641 1.1852 0.8705 0.1894  0.0621  0.1029  10 DG A O6    
203 N N1    . DG A 10 ? 0.8079 1.0313 0.7636 0.1188  0.0756  0.1125  10 DG A N1    
204 C C2    . DG A 10 ? 0.7951 1.0533 0.7848 0.0867  0.0754  0.1086  10 DG A C2    
205 N N2    . DG A 10 ? 0.7974 1.0071 0.7981 0.0629  0.0798  0.1101  10 DG A N2    
206 N N3    . DG A 10 ? 0.7634 1.0997 0.7835 0.0797  0.0675  0.1010  10 DG A N3    
207 C C4    . DG A 10 ? 0.7736 1.1645 0.7788 0.1101  0.0661  0.1031  10 DG A C4    
208 P P     . DG A 11 ? 1.0904 1.7430 1.3516 0.0383  -0.0367 -0.0085 11 DG A P     
209 O OP1   . DG A 11 ? 1.1786 1.8153 1.5138 0.0069  -0.0718 -0.0479 11 DG A OP1   
210 O OP2   . DG A 11 ? 1.1590 1.9122 1.4291 0.0631  -0.0417 -0.0093 11 DG A OP2   
211 O "O5'" . DG A 11 ? 1.0397 1.6216 1.1844 0.0871  -0.0192 -0.0101 11 DG A "O5'" 
212 C "C5'" . DG A 11 ? 0.9683 1.4613 1.0896 0.0730  -0.0058 -0.0001 11 DG A "C5'" 
213 C "C4'" . DG A 11 ? 0.9217 1.3715 0.9500 0.1202  0.0153  0.0148  11 DG A "C4'" 
214 O "O4'" . DG A 11 ? 0.8568 1.2956 0.8495 0.1379  0.0351  0.0462  11 DG A "O4'" 
215 C "C3'" . DG A 11 ? 0.9266 1.4280 0.9124 0.1741  0.0016  -0.0112 11 DG A "C3'" 
216 O "O3'" . DG A 11 ? 0.9344 1.3944 0.8581 0.2073  0.0211  0.0076  11 DG A "O3'" 
217 C "C2'" . DG A 11 ? 0.9072 1.4513 0.8647 0.2064  0.0075  0.0032  11 DG A "C2'" 
218 C "C1'" . DG A 11 ? 0.8512 1.3253 0.7927 0.1918  0.0341  0.0443  11 DG A "C1'" 
219 N N9    . DG A 11 ? 0.8429 1.3542 0.7834 0.2049  0.0357  0.0535  11 DG A N9    
220 C C8    . DG A 11 ? 0.8121 1.4213 0.7888 0.2081  0.0201  0.0373  11 DG A C8    
221 N N7    . DG A 11 ? 0.8867 1.5186 0.8462 0.2300  0.0283  0.0528  11 DG A N7    
222 C C5    . DG A 11 ? 0.9117 1.4444 0.8234 0.2417  0.0442  0.0733  11 DG A C5    
223 C C6    . DG A 11 ? 0.9293 1.4319 0.8061 0.2732  0.0494  0.0843  11 DG A C6    
224 O O6    . DG A 11 ? 0.9624 1.5295 0.8314 0.3043  0.0452  0.0808  11 DG A O6    
225 N N1    . DG A 11 ? 0.9537 1.3441 0.8081 0.2709  0.0562  0.0967  11 DG A N1    
226 C C2    . DG A 11 ? 0.9131 1.2409 0.7757 0.2422  0.0645  0.1066  11 DG A C2    
227 N N2    . DG A 11 ? 0.9198 1.1513 0.7754 0.2403  0.0699  0.1221  11 DG A N2    
228 N N3    . DG A 11 ? 0.8864 1.2492 0.7692 0.2200  0.0636  0.0982  11 DG A N3    
229 C C4    . DG A 11 ? 0.8815 1.3408 0.7880 0.2215  0.0503  0.0777  11 DG A C4    
230 P P     . DA A 12 ? 1.0025 1.5126 0.8953 0.2552  0.0042  -0.0264 12 DA A P     
231 O OP1   . DA A 12 ? 1.0419 1.5722 1.0029 0.2243  -0.0357 -0.0849 12 DA A OP1   
232 O OP2   . DA A 12 ? 1.0222 1.5988 0.8600 0.3202  0.0032  -0.0249 12 DA A OP2   
233 O "O5'" . DA A 12 ? 1.0292 1.4809 0.8834 0.2638  0.0377  0.0161  12 DA A "O5'" 
234 C "C5'" . DA A 12 ? 0.9630 1.3510 0.8560 0.2127  0.0437  0.0213  12 DA A "C5'" 
235 C "C4'" . DA A 12 ? 0.9676 1.2958 0.8373 0.2110  0.0828  0.0825  12 DA A "C4'" 
236 O "O4'" . DA A 12 ? 0.9482 1.2400 0.8172 0.2020  0.0948  0.1136  12 DA A "O4'" 
237 C "C3'" . DA A 12 ? 1.0909 1.4521 0.9072 0.2698  0.1070  0.1186  12 DA A "C3'" 
238 O "O3'" . DA A 12 ? 1.3245 1.6483 1.1525 0.2540  0.1322  0.1552  12 DA A "O3'" 
239 C "C2'" . DA A 12 ? 1.0558 1.4043 0.8464 0.2943  0.1253  0.1649  12 DA A "C2'" 
240 C "C1'" . DA A 12 ? 0.9607 1.2353 0.7940 0.2389  0.1218  0.1665  12 DA A "C1'" 
241 N N9    . DA A 12 ? 0.9167 1.1776 0.7372 0.2548  0.1204  0.1793  12 DA A N9    
242 C C8    . DA A 12 ? 0.8737 1.1750 0.6943 0.2585  0.0990  0.1450  12 DA A C8    
243 N N7    . DA A 12 ? 0.9151 1.1936 0.7175 0.2823  0.1024  0.1653  12 DA A N7    
244 C C5    . DA A 12 ? 0.9375 1.1442 0.7376 0.2893  0.1245  0.2166  12 DA A C5    
245 C C6    . DA A 12 ? 0.9974 1.1371 0.7949 0.3111  0.1318  0.2562  12 DA A C6    
246 N N6    . DA A 12 ? 1.0355 1.1726 0.8144 0.3400  0.1174  0.2443  12 DA A N6    
247 N N1    . DA A 12 ? 1.0691 1.1463 0.8919 0.3047  0.1526  0.3103  12 DA A N1    
248 C C2    . DA A 12 ? 1.0450 1.1392 0.8845 0.2821  0.1687  0.3235  12 DA A C2    
249 N N3    . DA A 12 ? 0.9807 1.1359 0.8111 0.2680  0.1629  0.2839  12 DA A N3    
250 C C4    . DA A 12 ? 0.9548 1.1574 0.7692 0.2703  0.1384  0.2299  12 DA A C4    
251 P P     . DG A 13 ? 1.4347 1.8230 1.2291 0.3048  0.1460  0.1649  13 DG A P     
252 O OP1   . DG A 13 ? 1.3926 1.8391 1.1356 0.3719  0.1731  0.2184  13 DG A OP1   
253 O OP2   . DG A 13 ? 1.2883 1.6315 1.1201 0.2655  0.1625  0.1868  13 DG A OP2   
254 O "O5'" . DG A 13 ? 1.4151 1.8602 1.2014 0.3270  0.0996  0.0766  13 DG A "O5'" 
# 
loop_
_pdbx_poly_seq_scheme.asym_id 
_pdbx_poly_seq_scheme.entity_id 
_pdbx_poly_seq_scheme.seq_id 
_pdbx_poly_seq_scheme.mon_id 
_pdbx_poly_seq_scheme.ndb_seq_num 
_pdbx_poly_seq_scheme.pdb_seq_num 
_pdbx_poly_seq_scheme.auth_seq_num 
_pdbx_poly_seq_scheme.pdb_mon_id 
_pdbx_poly_seq_scheme.auth_mon_id 
_pdbx_poly_seq_scheme.pdb_strand_id 
_pdbx_poly_seq_scheme.pdb_ins_code 
_pdbx_poly_seq_scheme.hetero 
A 1 1  DG 1  1  1  DG DG A . n 
A 1 2  DG 2  2  2  DG DG A . n 
A 1 3  DA 3  3  3  DA DA A . n 
A 1 4  DT 4  4  4  DT DT A . n 
A 1 5  DA 5  5  5  DA DA A . n 
A 1 6  DG 6  6  6  DG DG A . n 
A 1 7  DC 7  7  7  DC DC A . n 
A 1 8  DT 8  8  8  DT DT A . n 
A 1 9  DA 9  9  9  DA DA A . n 
A 1 10 DG 10 10 10 DG DG A . n 
A 1 11 DG 11 11 11 DG DG A . n 
A 1 12 DA 12 12 12 DA DA A . n 
A 1 13 DG 13 13 13 DG DG A . n 
# 
loop_
_pdbx_nonpoly_scheme.asym_id 
_pdbx_nonpoly_scheme.entity_id 
_pdbx_nonpoly_scheme.mon_id 
_pdbx_nonpoly_scheme.ndb_seq_num 
_pdbx_nonpoly_scheme.pdb_seq_num 
_pdbx_nonpoly_scheme.auth_seq_num 
_pdbx_nonpoly_scheme.pdb_mon_id 
_pdbx_nonpoly_scheme.auth_mon_id 
_pdbx_nonpoly_scheme.pdb_strand_id 
_pdbx_nonpoly_scheme.pdb_ins_code 
B 2 MG  1 101 1 MG  MG  A . 
C 3 HOH 1 201 3 HOH HOH A . 
C 3 HOH 2 202 4 HOH HOH A . 
C 3 HOH 3 203 5 HOH HOH A . 
# 
_pdbx_struct_assembly.id                   1 
_pdbx_struct_assembly.details              author_defined_assembly 
_pdbx_struct_assembly.method_details       ? 
_pdbx_struct_assembly.oligomeric_details   dimeric 
_pdbx_struct_assembly.oligomeric_count     2 
# 
_pdbx_struct_assembly_gen.assembly_id       1 
_pdbx_struct_assembly_gen.oper_expression   1,2 
_pdbx_struct_assembly_gen.asym_id_list      A,B,C 
# 
loop_
_pdbx_struct_oper_list.id 
_pdbx_struct_oper_list.type 
_pdbx_struct_oper_list.name 
_pdbx_struct_oper_list.symmetry_operation 
_pdbx_struct_oper_list.matrix[1][1] 
_pdbx_struct_oper_list.matrix[1][2] 
_pdbx_struct_oper_list.matrix[1][3] 
_pdbx_struct_oper_list.vector[1] 
_pdbx_struct_oper_list.matrix[2][1] 
_pdbx_struct_oper_list.matrix[2][2] 
_pdbx_struct_oper_list.matrix[2][3] 
_pdbx_struct_oper_list.vector[2] 
_pdbx_struct_oper_list.matrix[3][1] 
_pdbx_struct_oper_list.matrix[3][2] 
_pdbx_struct_oper_list.matrix[3][3] 
_pdbx_struct_oper_list.vector[3] 
1 'identity operation'         1_555 x,y,z     1.0000000000 0.0000000000  0.0000000000  0.0000000000  0.0000000000  1.0000000000  0.0000000000 0.0000000000 0.0000000000  0.0000000000 1.0000000000  0.0000000000  
2 'crystal symmetry operation' 4_545 -x,-y-1,z 0.6828447783 -0.3008294490 -0.6657511933 -1.9206197483 -0.3008294490 -0.9462229918 0.1190113118 1.2313385776 -0.6657511933 0.1190113118 -0.7366217865 -5.4112224761 
# 
_pdbx_struct_conn_angle.id                    1 
_pdbx_struct_conn_angle.ptnr1_label_atom_id   O 
_pdbx_struct_conn_angle.ptnr1_label_alt_id    ? 
_pdbx_struct_conn_angle.ptnr1_label_asym_id   C 
_pdbx_struct_conn_angle.ptnr1_label_comp_id   HOH 
_pdbx_struct_conn_angle.ptnr1_label_seq_id    . 
_pdbx_struct_conn_angle.ptnr1_auth_atom_id    ? 
_pdbx_struct_conn_angle.ptnr1_auth_asym_id    A 
_pdbx_struct_conn_angle.ptnr1_auth_comp_id    HOH 
_pdbx_struct_conn_angle.ptnr1_auth_seq_id     202 
_pdbx_struct_conn_angle.ptnr1_PDB_ins_code    ? 
_pdbx_struct_conn_angle.ptnr1_symmetry        1_555 
_pdbx_struct_conn_angle.ptnr2_label_atom_id   MG 
_pdbx_struct_conn_angle.ptnr2_label_alt_id    ? 
_pdbx_struct_conn_angle.ptnr2_label_asym_id   B 
_pdbx_struct_conn_angle.ptnr2_label_comp_id   MG 
_pdbx_struct_conn_angle.ptnr2_label_seq_id    . 
_pdbx_struct_conn_angle.ptnr2_auth_atom_id    ? 
_pdbx_struct_conn_angle.ptnr2_auth_asym_id    A 
_pdbx_struct_conn_angle.ptnr2_auth_comp_id    MG 
_pdbx_struct_conn_angle.ptnr2_auth_seq_id     101 
_pdbx_struct_conn_angle.ptnr2_PDB_ins_code    ? 
_pdbx_struct_conn_angle.ptnr2_symmetry        1_555 
_pdbx_struct_conn_angle.ptnr3_label_atom_id   O 
_pdbx_struct_conn_angle.ptnr3_label_alt_id    ? 
_pdbx_struct_conn_angle.ptnr3_label_asym_id   C 
_pdbx_struct_conn_angle.ptnr3_label_comp_id   HOH 
_pdbx_struct_conn_angle.ptnr3_label_seq_id    . 
_pdbx_struct_conn_angle.ptnr3_auth_atom_id    ? 
_pdbx_struct_conn_angle.ptnr3_auth_asym_id    A 
_pdbx_struct_conn_angle.ptnr3_auth_comp_id    HOH 
_pdbx_struct_conn_angle.ptnr3_auth_seq_id     203 
_pdbx_struct_conn_angle.ptnr3_PDB_ins_code    ? 
_pdbx_struct_conn_angle.ptnr3_symmetry        1_555 
_pdbx_struct_conn_angle.value                 142.0 
_pdbx_struct_conn_angle.value_esd             ? 
# 
loop_
_pdbx_audit_revision_history.ordinal 
_pdbx_audit_revision_history.data_content_type 
_pdbx_audit_revision_history.major_revision 
_pdbx_audit_revision_history.minor_revision 
_pdbx_audit_revision_history.revision_date 
1 'Structure model' 1 0 2015-06-17 
2 'Structure model' 1 1 2015-09-09 
3 'Structure model' 1 2 2023-09-20 
# 
_pdbx_audit_revision_details.ordinal             1 
_pdbx_audit_revision_details.revision_ordinal    1 
_pdbx_audit_revision_details.data_content_type   'Structure model' 
_pdbx_audit_revision_details.provider            repository 
_pdbx_audit_revision_details.type                'Initial release' 
_pdbx_audit_revision_details.description         ? 
_pdbx_audit_revision_details.details             ? 
# 
loop_
_pdbx_audit_revision_group.ordinal 
_pdbx_audit_revision_group.revision_ordinal 
_pdbx_audit_revision_group.data_content_type 
_pdbx_audit_revision_group.group 
1 2 'Structure model' 'Database references'    
2 3 'Structure model' 'Data collection'        
3 3 'Structure model' 'Database references'    
4 3 'Structure model' 'Derived calculations'   
5 3 'Structure model' 'Refinement description' 
# 
loop_
_pdbx_audit_revision_category.ordinal 
_pdbx_audit_revision_category.revision_ordinal 
_pdbx_audit_revision_category.data_content_type 
_pdbx_audit_revision_category.category 
1 3 'Structure model' chem_comp_atom                
2 3 'Structure model' chem_comp_bond                
3 3 'Structure model' database_2                    
4 3 'Structure model' pdbx_initial_refinement_model 
5 3 'Structure model' struct_site                   
# 
loop_
_pdbx_audit_revision_item.ordinal 
_pdbx_audit_revision_item.revision_ordinal 
_pdbx_audit_revision_item.data_content_type 
_pdbx_audit_revision_item.item 
1 3 'Structure model' '_database_2.pdbx_DOI'                
2 3 'Structure model' '_database_2.pdbx_database_accession' 
3 3 'Structure model' '_struct_site.pdbx_auth_asym_id'      
4 3 'Structure model' '_struct_site.pdbx_auth_comp_id'      
5 3 'Structure model' '_struct_site.pdbx_auth_seq_id'       
# 
_pdbx_refine_tls.pdbx_refine_id   'X-RAY DIFFRACTION' 
_pdbx_refine_tls.id               1 
_pdbx_refine_tls.details          ? 
_pdbx_refine_tls.method           refined 
_pdbx_refine_tls.origin_x         0.0588 
_pdbx_refine_tls.origin_y         0.0173 
_pdbx_refine_tls.origin_z         -0.1308 
_pdbx_refine_tls.T[1][1]          0.2465 
_pdbx_refine_tls.T[2][2]          0.3593 
_pdbx_refine_tls.T[3][3]          0.3147 
_pdbx_refine_tls.T[1][2]          0.0108 
_pdbx_refine_tls.T[1][3]          0.0769 
_pdbx_refine_tls.T[2][3]          0.1252 
_pdbx_refine_tls.L[1][1]          14.2765 
_pdbx_refine_tls.L[2][2]          4.8059 
_pdbx_refine_tls.L[3][3]          7.1867 
_pdbx_refine_tls.L[1][2]          -7.3259 
_pdbx_refine_tls.L[1][3]          3.0412 
_pdbx_refine_tls.L[2][3]          -0.8962 
_pdbx_refine_tls.S[1][1]          0.5967 
_pdbx_refine_tls.S[1][2]          1.1616 
_pdbx_refine_tls.S[1][3]          -0.0282 
_pdbx_refine_tls.S[2][1]          -0.2653 
_pdbx_refine_tls.S[2][2]          -0.5678 
_pdbx_refine_tls.S[2][3]          0.2157 
_pdbx_refine_tls.S[3][1]          0.4911 
_pdbx_refine_tls.S[3][2]          1.0650 
_pdbx_refine_tls.S[3][3]          -0.0289 
# 
_pdbx_refine_tls_group.pdbx_refine_id      'X-RAY DIFFRACTION' 
_pdbx_refine_tls_group.id                  1 
_pdbx_refine_tls_group.refine_tls_id       1 
_pdbx_refine_tls_group.beg_auth_asym_id    A 
_pdbx_refine_tls_group.beg_auth_seq_id     1 
_pdbx_refine_tls_group.beg_label_asym_id   ? 
_pdbx_refine_tls_group.beg_label_seq_id    ? 
_pdbx_refine_tls_group.end_auth_asym_id    A 
_pdbx_refine_tls_group.end_auth_seq_id     13 
_pdbx_refine_tls_group.end_label_asym_id   ? 
_pdbx_refine_tls_group.end_label_seq_id    ? 
_pdbx_refine_tls_group.selection           ? 
_pdbx_refine_tls_group.selection_details   ? 
# 
_software.name             REFMAC 
_software.classification   refinement 
_software.version          5.8.0073 
_software.citation_id      ? 
_software.pdbx_ordinal     1 
# 
_pdbx_validate_rmsd_angle.id                         1 
_pdbx_validate_rmsd_angle.PDB_model_num              1 
_pdbx_validate_rmsd_angle.auth_atom_id_1             "C5'" 
_pdbx_validate_rmsd_angle.auth_asym_id_1             A 
_pdbx_validate_rmsd_angle.auth_comp_id_1             DG 
_pdbx_validate_rmsd_angle.auth_seq_id_1              1 
_pdbx_validate_rmsd_angle.PDB_ins_code_1             ? 
_pdbx_validate_rmsd_angle.label_alt_id_1             ? 
_pdbx_validate_rmsd_angle.auth_atom_id_2             "C4'" 
_pdbx_validate_rmsd_angle.auth_asym_id_2             A 
_pdbx_validate_rmsd_angle.auth_comp_id_2             DG 
_pdbx_validate_rmsd_angle.auth_seq_id_2              1 
_pdbx_validate_rmsd_angle.PDB_ins_code_2             ? 
_pdbx_validate_rmsd_angle.label_alt_id_2             ? 
_pdbx_validate_rmsd_angle.auth_atom_id_3             "O4'" 
_pdbx_validate_rmsd_angle.auth_asym_id_3             A 
_pdbx_validate_rmsd_angle.auth_comp_id_3             DG 
_pdbx_validate_rmsd_angle.auth_seq_id_3              1 
_pdbx_validate_rmsd_angle.PDB_ins_code_3             ? 
_pdbx_validate_rmsd_angle.label_alt_id_3             ? 
_pdbx_validate_rmsd_angle.angle_value                117.95 
_pdbx_validate_rmsd_angle.angle_target_value         109.80 
_pdbx_validate_rmsd_angle.angle_deviation            8.15 
_pdbx_validate_rmsd_angle.angle_standard_deviation   1.10 
_pdbx_validate_rmsd_angle.linker_flag                N 
# 
loop_
_pdbx_unobs_or_zero_occ_atoms.id 
_pdbx_unobs_or_zero_occ_atoms.PDB_model_num 
_pdbx_unobs_or_zero_occ_atoms.polymer_flag 
_pdbx_unobs_or_zero_occ_atoms.occupancy_flag 
_pdbx_unobs_or_zero_occ_atoms.auth_asym_id 
_pdbx_unobs_or_zero_occ_atoms.auth_comp_id 
_pdbx_unobs_or_zero_occ_atoms.auth_seq_id 
_pdbx_unobs_or_zero_occ_atoms.PDB_ins_code 
_pdbx_unobs_or_zero_occ_atoms.auth_atom_id 
_pdbx_unobs_or_zero_occ_atoms.label_alt_id 
_pdbx_unobs_or_zero_occ_atoms.label_asym_id 
_pdbx_unobs_or_zero_occ_atoms.label_comp_id 
_pdbx_unobs_or_zero_occ_atoms.label_seq_id 
_pdbx_unobs_or_zero_occ_atoms.label_atom_id 
1  1 Y 1 A DG 13 ? "C5'" ? A DG 13 "C5'" 
2  1 Y 1 A DG 13 ? "C4'" ? A DG 13 "C4'" 
3  1 Y 1 A DG 13 ? "O4'" ? A DG 13 "O4'" 
4  1 Y 1 A DG 13 ? "C3'" ? A DG 13 "C3'" 
5  1 Y 1 A DG 13 ? "O3'" ? A DG 13 "O3'" 
6  1 Y 1 A DG 13 ? "C2'" ? A DG 13 "C2'" 
7  1 Y 1 A DG 13 ? "C1'" ? A DG 13 "C1'" 
8  1 Y 1 A DG 13 ? N9    ? A DG 13 N9    
9  1 Y 1 A DG 13 ? C8    ? A DG 13 C8    
10 1 Y 1 A DG 13 ? N7    ? A DG 13 N7    
11 1 Y 1 A DG 13 ? C5    ? A DG 13 C5    
12 1 Y 1 A DG 13 ? C6    ? A DG 13 C6    
13 1 Y 1 A DG 13 ? O6    ? A DG 13 O6    
14 1 Y 1 A DG 13 ? N1    ? A DG 13 N1    
15 1 Y 1 A DG 13 ? C2    ? A DG 13 C2    
16 1 Y 1 A DG 13 ? N2    ? A DG 13 N2    
17 1 Y 1 A DG 13 ? N3    ? A DG 13 N3    
18 1 Y 1 A DG 13 ? C4    ? A DG 13 C4    
# 
loop_
_chem_comp_atom.comp_id 
_chem_comp_atom.atom_id 
_chem_comp_atom.type_symbol 
_chem_comp_atom.pdbx_aromatic_flag 
_chem_comp_atom.pdbx_stereo_config 
_chem_comp_atom.pdbx_ordinal 
DA  OP3    O  N N 1   
DA  P      P  N N 2   
DA  OP1    O  N N 3   
DA  OP2    O  N N 4   
DA  "O5'"  O  N N 5   
DA  "C5'"  C  N N 6   
DA  "C4'"  C  N R 7   
DA  "O4'"  O  N N 8   
DA  "C3'"  C  N S 9   
DA  "O3'"  O  N N 10  
DA  "C2'"  C  N N 11  
DA  "C1'"  C  N R 12  
DA  N9     N  Y N 13  
DA  C8     C  Y N 14  
DA  N7     N  Y N 15  
DA  C5     C  Y N 16  
DA  C6     C  Y N 17  
DA  N6     N  N N 18  
DA  N1     N  Y N 19  
DA  C2     C  Y N 20  
DA  N3     N  Y N 21  
DA  C4     C  Y N 22  
DA  HOP3   H  N N 23  
DA  HOP2   H  N N 24  
DA  "H5'"  H  N N 25  
DA  "H5''" H  N N 26  
DA  "H4'"  H  N N 27  
DA  "H3'"  H  N N 28  
DA  "HO3'" H  N N 29  
DA  "H2'"  H  N N 30  
DA  "H2''" H  N N 31  
DA  "H1'"  H  N N 32  
DA  H8     H  N N 33  
DA  H61    H  N N 34  
DA  H62    H  N N 35  
DA  H2     H  N N 36  
DC  OP3    O  N N 37  
DC  P      P  N N 38  
DC  OP1    O  N N 39  
DC  OP2    O  N N 40  
DC  "O5'"  O  N N 41  
DC  "C5'"  C  N N 42  
DC  "C4'"  C  N R 43  
DC  "O4'"  O  N N 44  
DC  "C3'"  C  N S 45  
DC  "O3'"  O  N N 46  
DC  "C2'"  C  N N 47  
DC  "C1'"  C  N R 48  
DC  N1     N  N N 49  
DC  C2     C  N N 50  
DC  O2     O  N N 51  
DC  N3     N  N N 52  
DC  C4     C  N N 53  
DC  N4     N  N N 54  
DC  C5     C  N N 55  
DC  C6     C  N N 56  
DC  HOP3   H  N N 57  
DC  HOP2   H  N N 58  
DC  "H5'"  H  N N 59  
DC  "H5''" H  N N 60  
DC  "H4'"  H  N N 61  
DC  "H3'"  H  N N 62  
DC  "HO3'" H  N N 63  
DC  "H2'"  H  N N 64  
DC  "H2''" H  N N 65  
DC  "H1'"  H  N N 66  
DC  H41    H  N N 67  
DC  H42    H  N N 68  
DC  H5     H  N N 69  
DC  H6     H  N N 70  
DG  OP3    O  N N 71  
DG  P      P  N N 72  
DG  OP1    O  N N 73  
DG  OP2    O  N N 74  
DG  "O5'"  O  N N 75  
DG  "C5'"  C  N N 76  
DG  "C4'"  C  N R 77  
DG  "O4'"  O  N N 78  
DG  "C3'"  C  N S 79  
DG  "O3'"  O  N N 80  
DG  "C2'"  C  N N 81  
DG  "C1'"  C  N R 82  
DG  N9     N  Y N 83  
DG  C8     C  Y N 84  
DG  N7     N  Y N 85  
DG  C5     C  Y N 86  
DG  C6     C  N N 87  
DG  O6     O  N N 88  
DG  N1     N  N N 89  
DG  C2     C  N N 90  
DG  N2     N  N N 91  
DG  N3     N  N N 92  
DG  C4     C  Y N 93  
DG  HOP3   H  N N 94  
DG  HOP2   H  N N 95  
DG  "H5'"  H  N N 96  
DG  "H5''" H  N N 97  
DG  "H4'"  H  N N 98  
DG  "H3'"  H  N N 99  
DG  "HO3'" H  N N 100 
DG  "H2'"  H  N N 101 
DG  "H2''" H  N N 102 
DG  "H1'"  H  N N 103 
DG  H8     H  N N 104 
DG  H1     H  N N 105 
DG  H21    H  N N 106 
DG  H22    H  N N 107 
DT  OP3    O  N N 108 
DT  P      P  N N 109 
DT  OP1    O  N N 110 
DT  OP2    O  N N 111 
DT  "O5'"  O  N N 112 
DT  "C5'"  C  N N 113 
DT  "C4'"  C  N R 114 
DT  "O4'"  O  N N 115 
DT  "C3'"  C  N S 116 
DT  "O3'"  O  N N 117 
DT  "C2'"  C  N N 118 
DT  "C1'"  C  N R 119 
DT  N1     N  N N 120 
DT  C2     C  N N 121 
DT  O2     O  N N 122 
DT  N3     N  N N 123 
DT  C4     C  N N 124 
DT  O4     O  N N 125 
DT  C5     C  N N 126 
DT  C7     C  N N 127 
DT  C6     C  N N 128 
DT  HOP3   H  N N 129 
DT  HOP2   H  N N 130 
DT  "H5'"  H  N N 131 
DT  "H5''" H  N N 132 
DT  "H4'"  H  N N 133 
DT  "H3'"  H  N N 134 
DT  "HO3'" H  N N 135 
DT  "H2'"  H  N N 136 
DT  "H2''" H  N N 137 
DT  "H1'"  H  N N 138 
DT  H3     H  N N 139 
DT  H71    H  N N 140 
DT  H72    H  N N 141 
DT  H73    H  N N 142 
DT  H6     H  N N 143 
HOH O      O  N N 144 
HOH H1     H  N N 145 
HOH H2     H  N N 146 
MG  MG     MG N N 147 
# 
loop_
_chem_comp_bond.comp_id 
_chem_comp_bond.atom_id_1 
_chem_comp_bond.atom_id_2 
_chem_comp_bond.value_order 
_chem_comp_bond.pdbx_aromatic_flag 
_chem_comp_bond.pdbx_stereo_config 
_chem_comp_bond.pdbx_ordinal 
DA  OP3   P      sing N N 1   
DA  OP3   HOP3   sing N N 2   
DA  P     OP1    doub N N 3   
DA  P     OP2    sing N N 4   
DA  P     "O5'"  sing N N 5   
DA  OP2   HOP2   sing N N 6   
DA  "O5'" "C5'"  sing N N 7   
DA  "C5'" "C4'"  sing N N 8   
DA  "C5'" "H5'"  sing N N 9   
DA  "C5'" "H5''" sing N N 10  
DA  "C4'" "O4'"  sing N N 11  
DA  "C4'" "C3'"  sing N N 12  
DA  "C4'" "H4'"  sing N N 13  
DA  "O4'" "C1'"  sing N N 14  
DA  "C3'" "O3'"  sing N N 15  
DA  "C3'" "C2'"  sing N N 16  
DA  "C3'" "H3'"  sing N N 17  
DA  "O3'" "HO3'" sing N N 18  
DA  "C2'" "C1'"  sing N N 19  
DA  "C2'" "H2'"  sing N N 20  
DA  "C2'" "H2''" sing N N 21  
DA  "C1'" N9     sing N N 22  
DA  "C1'" "H1'"  sing N N 23  
DA  N9    C8     sing Y N 24  
DA  N9    C4     sing Y N 25  
DA  C8    N7     doub Y N 26  
DA  C8    H8     sing N N 27  
DA  N7    C5     sing Y N 28  
DA  C5    C6     sing Y N 29  
DA  C5    C4     doub Y N 30  
DA  C6    N6     sing N N 31  
DA  C6    N1     doub Y N 32  
DA  N6    H61    sing N N 33  
DA  N6    H62    sing N N 34  
DA  N1    C2     sing Y N 35  
DA  C2    N3     doub Y N 36  
DA  C2    H2     sing N N 37  
DA  N3    C4     sing Y N 38  
DC  OP3   P      sing N N 39  
DC  OP3   HOP3   sing N N 40  
DC  P     OP1    doub N N 41  
DC  P     OP2    sing N N 42  
DC  P     "O5'"  sing N N 43  
DC  OP2   HOP2   sing N N 44  
DC  "O5'" "C5'"  sing N N 45  
DC  "C5'" "C4'"  sing N N 46  
DC  "C5'" "H5'"  sing N N 47  
DC  "C5'" "H5''" sing N N 48  
DC  "C4'" "O4'"  sing N N 49  
DC  "C4'" "C3'"  sing N N 50  
DC  "C4'" "H4'"  sing N N 51  
DC  "O4'" "C1'"  sing N N 52  
DC  "C3'" "O3'"  sing N N 53  
DC  "C3'" "C2'"  sing N N 54  
DC  "C3'" "H3'"  sing N N 55  
DC  "O3'" "HO3'" sing N N 56  
DC  "C2'" "C1'"  sing N N 57  
DC  "C2'" "H2'"  sing N N 58  
DC  "C2'" "H2''" sing N N 59  
DC  "C1'" N1     sing N N 60  
DC  "C1'" "H1'"  sing N N 61  
DC  N1    C2     sing N N 62  
DC  N1    C6     sing N N 63  
DC  C2    O2     doub N N 64  
DC  C2    N3     sing N N 65  
DC  N3    C4     doub N N 66  
DC  C4    N4     sing N N 67  
DC  C4    C5     sing N N 68  
DC  N4    H41    sing N N 69  
DC  N4    H42    sing N N 70  
DC  C5    C6     doub N N 71  
DC  C5    H5     sing N N 72  
DC  C6    H6     sing N N 73  
DG  OP3   P      sing N N 74  
DG  OP3   HOP3   sing N N 75  
DG  P     OP1    doub N N 76  
DG  P     OP2    sing N N 77  
DG  P     "O5'"  sing N N 78  
DG  OP2   HOP2   sing N N 79  
DG  "O5'" "C5'"  sing N N 80  
DG  "C5'" "C4'"  sing N N 81  
DG  "C5'" "H5'"  sing N N 82  
DG  "C5'" "H5''" sing N N 83  
DG  "C4'" "O4'"  sing N N 84  
DG  "C4'" "C3'"  sing N N 85  
DG  "C4'" "H4'"  sing N N 86  
DG  "O4'" "C1'"  sing N N 87  
DG  "C3'" "O3'"  sing N N 88  
DG  "C3'" "C2'"  sing N N 89  
DG  "C3'" "H3'"  sing N N 90  
DG  "O3'" "HO3'" sing N N 91  
DG  "C2'" "C1'"  sing N N 92  
DG  "C2'" "H2'"  sing N N 93  
DG  "C2'" "H2''" sing N N 94  
DG  "C1'" N9     sing N N 95  
DG  "C1'" "H1'"  sing N N 96  
DG  N9    C8     sing Y N 97  
DG  N9    C4     sing Y N 98  
DG  C8    N7     doub Y N 99  
DG  C8    H8     sing N N 100 
DG  N7    C5     sing Y N 101 
DG  C5    C6     sing N N 102 
DG  C5    C4     doub Y N 103 
DG  C6    O6     doub N N 104 
DG  C6    N1     sing N N 105 
DG  N1    C2     sing N N 106 
DG  N1    H1     sing N N 107 
DG  C2    N2     sing N N 108 
DG  C2    N3     doub N N 109 
DG  N2    H21    sing N N 110 
DG  N2    H22    sing N N 111 
DG  N3    C4     sing N N 112 
DT  OP3   P      sing N N 113 
DT  OP3   HOP3   sing N N 114 
DT  P     OP1    doub N N 115 
DT  P     OP2    sing N N 116 
DT  P     "O5'"  sing N N 117 
DT  OP2   HOP2   sing N N 118 
DT  "O5'" "C5'"  sing N N 119 
DT  "C5'" "C4'"  sing N N 120 
DT  "C5'" "H5'"  sing N N 121 
DT  "C5'" "H5''" sing N N 122 
DT  "C4'" "O4'"  sing N N 123 
DT  "C4'" "C3'"  sing N N 124 
DT  "C4'" "H4'"  sing N N 125 
DT  "O4'" "C1'"  sing N N 126 
DT  "C3'" "O3'"  sing N N 127 
DT  "C3'" "C2'"  sing N N 128 
DT  "C3'" "H3'"  sing N N 129 
DT  "O3'" "HO3'" sing N N 130 
DT  "C2'" "C1'"  sing N N 131 
DT  "C2'" "H2'"  sing N N 132 
DT  "C2'" "H2''" sing N N 133 
DT  "C1'" N1     sing N N 134 
DT  "C1'" "H1'"  sing N N 135 
DT  N1    C2     sing N N 136 
DT  N1    C6     sing N N 137 
DT  C2    O2     doub N N 138 
DT  C2    N3     sing N N 139 
DT  N3    C4     sing N N 140 
DT  N3    H3     sing N N 141 
DT  C4    O4     doub N N 142 
DT  C4    C5     sing N N 143 
DT  C5    C7     sing N N 144 
DT  C5    C6     doub N N 145 
DT  C7    H71    sing N N 146 
DT  C7    H72    sing N N 147 
DT  C7    H73    sing N N 148 
DT  C6    H6     sing N N 149 
HOH O     H1     sing N N 150 
HOH O     H2     sing N N 151 
# 
_ndb_struct_conf_na.entry_id   4RP2 
_ndb_struct_conf_na.feature    'b-form double helix' 
# 
loop_
_ndb_struct_na_base_pair.model_number 
_ndb_struct_na_base_pair.i_label_asym_id 
_ndb_struct_na_base_pair.i_label_comp_id 
_ndb_struct_na_base_pair.i_label_seq_id 
_ndb_struct_na_base_pair.i_symmetry 
_ndb_struct_na_base_pair.j_label_asym_id 
_ndb_struct_na_base_pair.j_label_comp_id 
_ndb_struct_na_base_pair.j_label_seq_id 
_ndb_struct_na_base_pair.j_symmetry 
_ndb_struct_na_base_pair.shear 
_ndb_struct_na_base_pair.stretch 
_ndb_struct_na_base_pair.stagger 
_ndb_struct_na_base_pair.buckle 
_ndb_struct_na_base_pair.propeller 
_ndb_struct_na_base_pair.opening 
_ndb_struct_na_base_pair.pair_number 
_ndb_struct_na_base_pair.pair_name 
_ndb_struct_na_base_pair.i_auth_asym_id 
_ndb_struct_na_base_pair.i_auth_seq_id 
_ndb_struct_na_base_pair.i_PDB_ins_code 
_ndb_struct_na_base_pair.j_auth_asym_id 
_ndb_struct_na_base_pair.j_auth_seq_id 
_ndb_struct_na_base_pair.j_PDB_ins_code 
_ndb_struct_na_base_pair.hbond_type_28 
_ndb_struct_na_base_pair.hbond_type_12 
1 A DT 4 1_555 A DA 9 4_545 0.727  -0.138 -0.010 -1.047 -10.533 3.580  1 A_DT4:DA9_A A 4 ? A 9 ? 20 1 
1 A DA 5 1_555 A DT 8 4_545 -0.042 -0.230 0.111  6.512  -13.575 1.157  2 A_DA5:DT8_A A 5 ? A 8 ? 20 1 
1 A DG 6 1_555 A DC 7 4_545 -0.166 0.184  0.332  1.092  -7.612  -1.420 3 A_DG6:DC7_A A 6 ? A 7 ? 19 1 
1 A DC 7 1_555 A DG 6 4_545 0.166  0.184  0.333  -1.092 -7.612  -1.420 4 A_DC7:DG6_A A 7 ? A 6 ? 19 1 
1 A DT 8 1_555 A DA 5 4_545 0.042  -0.230 0.111  -6.512 -13.575 1.157  5 A_DT8:DA5_A A 8 ? A 5 ? 20 1 
1 A DA 9 1_555 A DT 4 4_545 -0.727 -0.138 -0.010 1.047  -10.533 3.580  6 A_DA9:DT4_A A 9 ? A 4 ? 20 1 
# 
loop_
_ndb_struct_na_base_pair_step.model_number 
_ndb_struct_na_base_pair_step.i_label_asym_id_1 
_ndb_struct_na_base_pair_step.i_label_comp_id_1 
_ndb_struct_na_base_pair_step.i_label_seq_id_1 
_ndb_struct_na_base_pair_step.i_symmetry_1 
_ndb_struct_na_base_pair_step.j_label_asym_id_1 
_ndb_struct_na_base_pair_step.j_label_comp_id_1 
_ndb_struct_na_base_pair_step.j_label_seq_id_1 
_ndb_struct_na_base_pair_step.j_symmetry_1 
_ndb_struct_na_base_pair_step.i_label_asym_id_2 
_ndb_struct_na_base_pair_step.i_label_comp_id_2 
_ndb_struct_na_base_pair_step.i_label_seq_id_2 
_ndb_struct_na_base_pair_step.i_symmetry_2 
_ndb_struct_na_base_pair_step.j_label_asym_id_2 
_ndb_struct_na_base_pair_step.j_label_comp_id_2 
_ndb_struct_na_base_pair_step.j_label_seq_id_2 
_ndb_struct_na_base_pair_step.j_symmetry_2 
_ndb_struct_na_base_pair_step.shift 
_ndb_struct_na_base_pair_step.slide 
_ndb_struct_na_base_pair_step.rise 
_ndb_struct_na_base_pair_step.tilt 
_ndb_struct_na_base_pair_step.roll 
_ndb_struct_na_base_pair_step.twist 
_ndb_struct_na_base_pair_step.x_displacement 
_ndb_struct_na_base_pair_step.y_displacement 
_ndb_struct_na_base_pair_step.helical_rise 
_ndb_struct_na_base_pair_step.inclination 
_ndb_struct_na_base_pair_step.tip 
_ndb_struct_na_base_pair_step.helical_twist 
_ndb_struct_na_base_pair_step.step_number 
_ndb_struct_na_base_pair_step.step_name 
_ndb_struct_na_base_pair_step.i_auth_asym_id_1 
_ndb_struct_na_base_pair_step.i_auth_seq_id_1 
_ndb_struct_na_base_pair_step.i_PDB_ins_code_1 
_ndb_struct_na_base_pair_step.j_auth_asym_id_1 
_ndb_struct_na_base_pair_step.j_auth_seq_id_1 
_ndb_struct_na_base_pair_step.j_PDB_ins_code_1 
_ndb_struct_na_base_pair_step.i_auth_asym_id_2 
_ndb_struct_na_base_pair_step.i_auth_seq_id_2 
_ndb_struct_na_base_pair_step.i_PDB_ins_code_2 
_ndb_struct_na_base_pair_step.j_auth_asym_id_2 
_ndb_struct_na_base_pair_step.j_auth_seq_id_2 
_ndb_struct_na_base_pair_step.j_PDB_ins_code_2 
1 A DT 4 1_555 A DA 9 4_545 A DA 5 1_555 A DT 8 4_545 -0.449 1.192  3.152 1.648  1.300 40.350 1.585  0.829  3.167 1.883 -2.388 
40.403 1 AA_DT4DA5:DT8DA9_AA A 4 ? A 9 ? A 5 ? A 8 ? 
1 A DA 5 1_555 A DT 8 4_545 A DG 6 1_555 A DC 7 4_545 0.299  0.058  3.430 -5.268 4.723 31.304 -0.781 -1.530 3.310 8.615 9.610  
32.074 2 AA_DA5DG6:DC7DT8_AA A 5 ? A 8 ? A 6 ? A 7 ? 
1 A DG 6 1_555 A DC 7 4_545 A DC 7 1_555 A DG 6 4_545 0.000  -0.199 3.310 0.000  2.273 37.343 -0.612 0.000  3.293 3.545 0.000  
37.410 3 AA_DG6DC7:DG6DC7_AA A 6 ? A 7 ? A 7 ? A 6 ? 
1 A DC 7 1_555 A DG 6 4_545 A DT 8 1_555 A DA 5 4_545 -0.299 0.058  3.430 5.268  4.723 31.304 -0.781 1.530  3.310 8.615 -9.610 
32.074 4 AA_DC7DT8:DA5DG6_AA A 7 ? A 6 ? A 8 ? A 5 ? 
1 A DT 8 1_555 A DA 5 4_545 A DA 9 1_555 A DT 4 4_545 0.449  1.192  3.152 -1.648 1.300 40.350 1.585  -0.829 3.167 1.883 2.388  
40.403 5 AA_DT8DA9:DT4DA5_AA A 8 ? A 5 ? A 9 ? A 4 ? 
# 
loop_
_pdbx_entity_nonpoly.entity_id 
_pdbx_entity_nonpoly.name 
_pdbx_entity_nonpoly.comp_id 
2 'MAGNESIUM ION' MG  
3 water           HOH 
# 
_pdbx_initial_refinement_model.id               1 
_pdbx_initial_refinement_model.entity_id_list   ? 
_pdbx_initial_refinement_model.type             'experimental model' 
_pdbx_initial_refinement_model.source_name      PDB 
_pdbx_initial_refinement_model.accession_code   1P1Y 
_pdbx_initial_refinement_model.details          'PDB ENTRY 1p1y' 
# 
